data_6S3H
#
_entry.id   6S3H
#
_cell.length_a   52.682
_cell.length_b   200.130
_cell.length_c   53.955
_cell.angle_alpha   90.00
_cell.angle_beta   93.44
_cell.angle_gamma   90.00
#
_symmetry.space_group_name_H-M   'P 1 21 1'
#
loop_
_entity.id
_entity.type
_entity.pdbx_description
1 polymer 'PIF1 helicase'
2 polymer "DNA (5'-D(P*TP*TP*TP*TP*TP*T)-3')"
3 non-polymer "ADENOSINE-5'-DIPHOSPHATE"
4 non-polymer 'TETRAFLUOROALUMINATE ION'
5 non-polymer 'MAGNESIUM ION'
6 water water
#
loop_
_entity_poly.entity_id
_entity_poly.type
_entity_poly.pdbx_seq_one_letter_code
_entity_poly.pdbx_strand_id
1 'polypeptide(L)'
;TPEGLSSEQQRAFLAVTQTPHPAHLITGPAGTGKTTLLYALQEFYKGRAVTLAPTGTAALQARGQTVHSFFRFPARLLRY
RHPEDIRPPGPHSPLRKAIEQMEVLILDEVGMVRVDLLEAMDWALRKTRKRLEEPFGGVKVLLLGDTRQLEPVVPGGEEA
LYIARTWGGPFFFQAHVWEEVALRVHRLWESQRQREDPLFAELLKRLRQGDPQALETLNRAAVRPDGGEEPGTLILTPRR
KEADALNLKRLEALPGKPLEYQAQVKGEFAETDFPTEAALTLKKGAQVILLRNDPLGEYFNGDLGWVEDLEAEALAVRLK
RNGRRVVIRPFVWEKIVYTYDSEREEIKPQVVGTFRQVPVRLAWALTVHKAQGLTLDKVHLELGRGLFAHGQLYVALTRV
RRLQDLSLSRPIAPTELLWRPEVEVFETRIQEGIWQKSHGWPSL
;
A,B
2 'polydeoxyribonucleotide' (DT)(DT)(DT)(DT)(DT)(DT)(DT) D,E
#
# COMPACT_ATOMS: atom_id res chain seq x y z
N GLY A 4 12.04 46.39 18.82
CA GLY A 4 11.59 45.80 17.56
C GLY A 4 12.53 44.75 16.99
N LEU A 5 12.35 44.45 15.68
CA LEU A 5 13.13 43.44 14.97
C LEU A 5 14.58 43.84 14.85
N SER A 6 15.47 42.87 14.97
CA SER A 6 16.89 43.03 14.76
C SER A 6 17.08 43.36 13.25
N SER A 7 18.24 43.90 12.88
CA SER A 7 18.52 44.24 11.47
C SER A 7 18.46 43.00 10.55
N GLU A 8 18.95 41.83 11.04
CA GLU A 8 18.86 40.60 10.22
C GLU A 8 17.41 40.06 10.16
N GLN A 9 16.58 40.21 11.22
CA GLN A 9 15.15 39.80 11.20
C GLN A 9 14.39 40.73 10.21
N GLN A 10 14.68 42.04 10.28
CA GLN A 10 14.10 43.06 9.40
C GLN A 10 14.41 42.76 7.92
N ARG A 11 15.67 42.42 7.61
CA ARG A 11 16.13 42.05 6.27
C ARG A 11 15.38 40.81 5.73
N ALA A 12 15.22 39.77 6.58
CA ALA A 12 14.47 38.57 6.21
C ALA A 12 12.97 38.90 6.02
N PHE A 13 12.40 39.77 6.88
CA PHE A 13 11.02 40.24 6.81
C PHE A 13 10.76 40.88 5.44
N LEU A 14 11.64 41.81 5.02
CA LEU A 14 11.53 42.50 3.73
C LEU A 14 11.72 41.54 2.56
N ALA A 15 12.73 40.66 2.64
CA ALA A 15 13.01 39.70 1.55
C ALA A 15 11.79 38.81 1.24
N VAL A 16 11.07 38.37 2.27
CA VAL A 16 9.89 37.50 2.16
C VAL A 16 8.61 38.27 1.75
N THR A 17 8.34 39.43 2.35
CA THR A 17 7.11 40.17 2.11
C THR A 17 7.07 40.98 0.79
N GLN A 18 8.23 41.46 0.30
CA GLN A 18 8.30 42.31 -0.91
C GLN A 18 8.38 41.57 -2.23
N THR A 19 8.47 40.26 -2.21
CA THR A 19 8.58 39.51 -3.47
C THR A 19 7.34 38.66 -3.75
N PRO A 20 6.99 38.41 -5.02
CA PRO A 20 5.90 37.49 -5.30
C PRO A 20 6.35 36.01 -5.20
N HIS A 21 7.67 35.72 -5.10
CA HIS A 21 8.19 34.34 -4.99
C HIS A 21 7.40 33.52 -3.91
N PRO A 22 6.82 32.34 -4.27
CA PRO A 22 5.89 31.68 -3.32
C PRO A 22 6.44 30.66 -2.34
N ALA A 23 7.77 30.50 -2.23
CA ALA A 23 8.34 29.52 -1.30
C ALA A 23 9.62 30.03 -0.65
N HIS A 24 9.56 30.25 0.69
CA HIS A 24 10.65 30.79 1.47
C HIS A 24 10.93 29.96 2.71
N LEU A 25 12.23 29.88 3.06
CA LEU A 25 12.71 29.21 4.26
C LEU A 25 13.54 30.21 5.03
N ILE A 26 13.18 30.43 6.28
CA ILE A 26 13.97 31.29 7.16
C ILE A 26 14.58 30.31 8.16
N THR A 27 15.88 30.17 8.10
CA THR A 27 16.56 29.21 8.96
C THR A 27 17.73 29.84 9.69
N GLY A 28 18.09 29.23 10.80
CA GLY A 28 19.18 29.67 11.64
C GLY A 28 19.21 28.94 12.97
N PRO A 29 20.33 29.09 13.70
CA PRO A 29 20.48 28.39 15.00
C PRO A 29 19.37 28.64 16.04
N ALA A 30 19.39 27.86 17.11
CA ALA A 30 18.36 28.04 18.16
C ALA A 30 18.40 29.46 18.73
N GLY A 31 17.22 30.02 19.00
CA GLY A 31 17.07 31.33 19.65
C GLY A 31 17.53 32.54 18.88
N THR A 32 17.59 32.45 17.53
CA THR A 32 18.00 33.57 16.64
C THR A 32 16.85 34.52 16.38
N GLY A 33 15.67 34.15 16.87
CA GLY A 33 14.48 34.96 16.74
C GLY A 33 13.63 34.64 15.54
N LYS A 34 13.62 33.34 15.06
CA LYS A 34 12.75 32.95 13.95
C LYS A 34 11.25 33.13 14.31
N THR A 35 10.82 32.61 15.48
CA THR A 35 9.38 32.72 15.83
C THR A 35 8.99 34.18 16.10
N THR A 36 9.93 34.96 16.57
CA THR A 36 9.71 36.40 16.80
C THR A 36 9.49 37.08 15.44
N LEU A 37 10.25 36.65 14.39
CA LEU A 37 10.03 37.16 13.03
C LEU A 37 8.65 36.68 12.55
N LEU A 38 8.28 35.43 12.88
CA LEU A 38 6.98 34.89 12.53
C LEU A 38 5.82 35.79 13.10
N TYR A 39 5.96 36.35 14.33
CA TYR A 39 4.92 37.27 14.86
C TYR A 39 4.81 38.52 13.96
N ALA A 40 5.95 39.06 13.44
CA ALA A 40 5.90 40.24 12.52
C ALA A 40 5.21 39.85 11.20
N LEU A 41 5.45 38.62 10.72
CA LEU A 41 4.79 38.11 9.51
C LEU A 41 3.28 37.95 9.72
N GLN A 42 2.86 37.53 10.95
CA GLN A 42 1.43 37.41 11.27
C GLN A 42 0.76 38.79 11.30
N GLU A 43 1.45 39.83 11.79
CA GLU A 43 0.90 41.20 11.82
C GLU A 43 0.79 41.74 10.39
N PHE A 44 1.75 41.39 9.51
CA PHE A 44 1.71 41.83 8.11
C PHE A 44 0.56 41.17 7.35
N TYR A 45 0.47 39.82 7.41
CA TYR A 45 -0.53 39.10 6.66
C TYR A 45 -1.90 38.98 7.34
N LYS A 46 -1.98 39.17 8.66
CA LYS A 46 -3.20 39.03 9.48
C LYS A 46 -4.08 37.82 9.03
N GLY A 47 -5.31 38.08 8.59
CA GLY A 47 -6.27 37.06 8.15
C GLY A 47 -5.90 36.22 6.93
N ARG A 48 -4.96 36.70 6.09
CA ARG A 48 -4.48 36.03 4.87
C ARG A 48 -3.62 34.82 5.17
N ALA A 49 -3.03 34.77 6.38
CA ALA A 49 -2.14 33.68 6.75
C ALA A 49 -2.73 32.71 7.76
N VAL A 50 -2.40 31.43 7.59
CA VAL A 50 -2.71 30.37 8.54
C VAL A 50 -1.32 29.96 9.09
N THR A 51 -1.15 29.92 10.43
CA THR A 51 0.12 29.54 11.05
C THR A 51 0.01 28.15 11.62
N LEU A 52 0.89 27.25 11.17
CA LEU A 52 0.94 25.85 11.59
C LEU A 52 2.30 25.48 12.11
N ALA A 53 2.36 24.40 12.89
CA ALA A 53 3.59 23.84 13.44
C ALA A 53 3.35 22.34 13.73
N PRO A 54 4.40 21.49 13.67
CA PRO A 54 4.18 20.04 13.85
C PRO A 54 3.78 19.56 15.25
N THR A 55 4.13 20.29 16.33
CA THR A 55 3.82 19.85 17.69
C THR A 55 2.86 20.84 18.35
N GLY A 56 2.16 20.38 19.39
CA GLY A 56 1.27 21.23 20.19
C GLY A 56 2.05 22.38 20.80
N THR A 57 3.24 22.08 21.33
CA THR A 57 4.14 23.11 21.89
C THR A 57 4.53 24.18 20.87
N ALA A 58 5.06 23.74 19.70
CA ALA A 58 5.54 24.68 18.70
C ALA A 58 4.37 25.50 18.14
N ALA A 59 3.18 24.90 18.00
CA ALA A 59 1.97 25.58 17.50
C ALA A 59 1.53 26.69 18.42
N LEU A 60 1.54 26.42 19.76
CA LEU A 60 1.16 27.40 20.76
C LEU A 60 2.21 28.54 20.80
N GLN A 61 3.48 28.18 20.76
CA GLN A 61 4.59 29.16 20.69
C GLN A 61 4.44 30.06 19.45
N ALA A 62 4.04 29.50 18.30
CA ALA A 62 3.81 30.22 17.04
C ALA A 62 2.42 30.90 16.94
N ARG A 63 1.60 30.84 18.01
CA ARG A 63 0.24 31.41 18.06
C ARG A 63 -0.59 30.84 16.89
N GLY A 64 -0.44 29.55 16.69
CA GLY A 64 -1.11 28.86 15.60
C GLY A 64 -1.73 27.55 16.06
N GLN A 65 -1.78 26.59 15.13
CA GLN A 65 -2.40 25.29 15.33
C GLN A 65 -1.47 24.23 14.79
N THR A 66 -1.64 22.99 15.28
CA THR A 66 -0.86 21.88 14.70
C THR A 66 -1.32 21.68 13.25
N VAL A 67 -0.44 21.11 12.42
CA VAL A 67 -0.74 20.80 11.02
C VAL A 67 -1.89 19.78 10.97
N HIS A 68 -1.84 18.74 11.83
CA HIS A 68 -2.87 17.69 11.89
C HIS A 68 -4.26 18.24 12.27
N SER A 69 -4.39 19.13 13.28
CA SER A 69 -5.71 19.67 13.65
C SER A 69 -6.28 20.61 12.60
N PHE A 70 -5.42 21.38 11.89
CA PHE A 70 -5.93 22.27 10.85
C PHE A 70 -6.51 21.48 9.67
N PHE A 71 -5.69 20.62 9.07
CA PHE A 71 -6.08 19.81 7.90
C PHE A 71 -6.91 18.59 8.24
N ARG A 72 -7.05 18.25 9.56
CA ARG A 72 -7.77 17.07 10.05
C ARG A 72 -7.11 15.77 9.51
N PHE A 73 -5.76 15.74 9.54
CA PHE A 73 -4.98 14.58 9.10
C PHE A 73 -4.98 13.55 10.22
N PRO A 74 -5.09 12.23 9.89
CA PRO A 74 -5.01 11.22 10.95
C PRO A 74 -3.58 11.14 11.53
N ALA A 75 -3.46 10.75 12.80
CA ALA A 75 -2.17 10.61 13.48
C ALA A 75 -1.44 9.31 13.14
N ARG A 76 -1.15 9.16 11.85
CA ARG A 76 -0.42 8.03 11.30
C ARG A 76 0.36 8.48 10.03
N LEU A 77 1.15 7.58 9.42
CA LEU A 77 1.90 7.85 8.18
C LEU A 77 0.92 8.35 7.11
N LEU A 78 1.29 9.41 6.38
CA LEU A 78 0.40 9.89 5.34
C LEU A 78 1.00 9.52 4.01
N ARG A 79 0.47 8.42 3.41
CA ARG A 79 0.98 7.88 2.15
C ARG A 79 0.85 8.92 1.04
N TYR A 80 1.89 9.03 0.20
CA TYR A 80 1.99 9.97 -0.91
C TYR A 80 0.70 10.01 -1.72
N ARG A 81 0.02 11.19 -1.68
CA ARG A 81 -1.23 11.52 -2.41
C ARG A 81 -2.32 10.46 -2.26
N HIS A 82 -2.31 9.72 -1.13
CA HIS A 82 -3.26 8.63 -0.90
C HIS A 82 -4.62 9.16 -0.47
N PRO A 83 -5.71 8.85 -1.25
CA PRO A 83 -7.05 9.36 -0.89
C PRO A 83 -7.60 8.94 0.47
N GLU A 84 -7.18 7.77 1.01
CA GLU A 84 -7.61 7.29 2.33
C GLU A 84 -7.01 8.12 3.45
N ASP A 85 -5.82 8.71 3.19
CA ASP A 85 -5.06 9.47 4.18
C ASP A 85 -5.23 10.97 4.05
N ILE A 86 -5.30 11.46 2.80
CA ILE A 86 -5.42 12.89 2.51
C ILE A 86 -6.83 13.11 2.01
N ARG A 87 -7.72 13.59 2.87
CA ARG A 87 -9.10 13.82 2.48
C ARG A 87 -9.41 15.30 2.36
N PRO A 88 -9.88 15.81 1.18
CA PRO A 88 -10.25 17.23 1.12
C PRO A 88 -11.52 17.49 1.95
N PRO A 89 -11.69 18.69 2.53
CA PRO A 89 -12.88 18.94 3.34
C PRO A 89 -14.19 19.02 2.54
N GLY A 90 -15.32 18.94 3.25
CA GLY A 90 -16.66 18.96 2.68
C GLY A 90 -17.00 20.20 1.88
N PRO A 91 -18.00 20.11 0.97
CA PRO A 91 -18.35 21.28 0.12
C PRO A 91 -18.75 22.58 0.83
N HIS A 92 -19.26 22.53 2.07
CA HIS A 92 -19.68 23.76 2.76
C HIS A 92 -19.10 23.88 4.16
N SER A 93 -17.92 23.26 4.37
CA SER A 93 -17.27 23.22 5.67
C SER A 93 -16.47 24.48 5.99
N PRO A 94 -16.31 24.86 7.28
CA PRO A 94 -15.47 26.02 7.61
C PRO A 94 -13.99 25.81 7.21
N LEU A 95 -13.54 24.53 7.09
CA LEU A 95 -12.16 24.22 6.66
C LEU A 95 -11.97 24.47 5.17
N ARG A 96 -12.97 24.08 4.34
CA ARG A 96 -12.93 24.35 2.91
C ARG A 96 -12.75 25.85 2.65
N LYS A 97 -13.59 26.69 3.31
CA LYS A 97 -13.54 28.15 3.22
C LYS A 97 -12.15 28.69 3.59
N ALA A 98 -11.59 28.22 4.73
CA ALA A 98 -10.27 28.61 5.22
C ALA A 98 -9.17 28.27 4.19
N ILE A 99 -9.21 27.07 3.58
CA ILE A 99 -8.21 26.66 2.59
C ILE A 99 -8.35 27.45 1.29
N GLU A 100 -9.60 27.62 0.80
CA GLU A 100 -9.90 28.37 -0.43
C GLU A 100 -9.52 29.84 -0.34
N GLN A 101 -9.66 30.46 0.83
CA GLN A 101 -9.38 31.89 1.05
C GLN A 101 -7.94 32.21 1.41
N MET A 102 -7.21 31.23 2.03
CA MET A 102 -5.80 31.35 2.47
C MET A 102 -4.93 31.86 1.33
N GLU A 103 -3.99 32.73 1.66
CA GLU A 103 -3.01 33.22 0.71
C GLU A 103 -1.62 32.80 1.12
N VAL A 104 -1.42 32.67 2.42
CA VAL A 104 -0.10 32.38 2.99
C VAL A 104 -0.20 31.28 4.04
N LEU A 105 0.75 30.37 4.02
CA LEU A 105 0.87 29.36 5.04
C LEU A 105 2.22 29.56 5.71
N ILE A 106 2.16 29.79 6.99
CA ILE A 106 3.34 29.96 7.82
C ILE A 106 3.55 28.65 8.57
N LEU A 107 4.67 28.01 8.31
CA LEU A 107 5.01 26.74 8.96
C LEU A 107 6.25 26.85 9.85
N ASP A 108 6.04 26.88 11.19
CA ASP A 108 7.14 26.95 12.14
C ASP A 108 7.65 25.58 12.54
N GLU A 109 8.88 25.52 13.09
CA GLU A 109 9.60 24.28 13.44
C GLU A 109 9.56 23.26 12.31
N VAL A 110 9.87 23.70 11.10
CA VAL A 110 9.79 22.90 9.87
C VAL A 110 10.77 21.69 9.90
N GLY A 111 11.87 21.80 10.63
CA GLY A 111 12.84 20.71 10.79
C GLY A 111 12.19 19.48 11.39
N MET A 112 11.13 19.69 12.19
CA MET A 112 10.38 18.59 12.83
C MET A 112 9.26 18.06 11.93
N VAL A 113 8.99 18.74 10.80
CA VAL A 113 7.93 18.34 9.89
C VAL A 113 8.41 17.20 9.03
N ARG A 114 7.81 15.99 9.21
CA ARG A 114 8.21 14.83 8.41
C ARG A 114 7.79 15.01 6.96
N VAL A 115 8.59 14.47 6.03
CA VAL A 115 8.40 14.56 4.57
C VAL A 115 6.95 14.25 4.12
N ASP A 116 6.32 13.19 4.67
CA ASP A 116 4.95 12.82 4.33
C ASP A 116 3.97 13.91 4.77
N LEU A 117 4.23 14.57 5.93
CA LEU A 117 3.39 15.62 6.47
C LEU A 117 3.41 16.84 5.52
N LEU A 118 4.63 17.26 5.07
CA LEU A 118 4.78 18.38 4.12
C LEU A 118 4.10 18.06 2.77
N GLU A 119 4.32 16.85 2.22
CA GLU A 119 3.72 16.40 0.97
C GLU A 119 2.21 16.35 1.07
N ALA A 120 1.67 15.94 2.24
CA ALA A 120 0.21 15.86 2.45
C ALA A 120 -0.38 17.28 2.50
N MET A 121 0.37 18.24 3.05
CA MET A 121 -0.06 19.64 3.09
C MET A 121 -0.15 20.14 1.64
N ASP A 122 0.91 19.89 0.84
CA ASP A 122 0.92 20.25 -0.59
C ASP A 122 -0.33 19.73 -1.29
N TRP A 123 -0.55 18.40 -1.27
CA TRP A 123 -1.66 17.73 -1.94
C TRP A 123 -3.05 18.15 -1.42
N ALA A 124 -3.21 18.32 -0.08
CA ALA A 124 -4.49 18.73 0.52
C ALA A 124 -4.90 20.12 0.01
N LEU A 125 -3.92 21.04 -0.10
CA LEU A 125 -4.12 22.38 -0.66
C LEU A 125 -4.46 22.33 -2.13
N ARG A 126 -3.72 21.54 -2.95
CA ARG A 126 -3.96 21.43 -4.41
C ARG A 126 -5.35 20.86 -4.69
N LYS A 127 -5.78 19.82 -3.94
CA LYS A 127 -7.09 19.18 -4.14
C LYS A 127 -8.23 20.11 -3.74
N THR A 128 -8.18 20.71 -2.53
CA THR A 128 -9.23 21.61 -2.05
C THR A 128 -9.38 22.84 -2.95
N ARG A 129 -8.25 23.40 -3.40
CA ARG A 129 -8.25 24.61 -4.22
C ARG A 129 -8.41 24.35 -5.68
N LYS A 130 -8.51 23.06 -6.08
CA LYS A 130 -8.68 22.58 -7.45
C LYS A 130 -7.56 23.11 -8.37
N ARG A 131 -6.31 23.07 -7.87
CA ARG A 131 -5.10 23.55 -8.57
C ARG A 131 -4.03 22.45 -8.41
N LEU A 132 -4.25 21.32 -9.10
CA LEU A 132 -3.41 20.13 -9.04
C LEU A 132 -2.00 20.27 -9.61
N GLU A 133 -1.77 21.30 -10.44
CA GLU A 133 -0.49 21.58 -11.11
C GLU A 133 0.34 22.67 -10.40
N GLU A 134 -0.21 23.31 -9.38
CA GLU A 134 0.53 24.38 -8.69
C GLU A 134 0.94 23.92 -7.33
N PRO A 135 2.24 23.99 -6.99
CA PRO A 135 2.67 23.63 -5.64
C PRO A 135 1.91 24.43 -4.57
N PHE A 136 1.44 23.71 -3.54
CA PHE A 136 0.65 24.21 -2.43
C PHE A 136 -0.66 24.92 -2.90
N GLY A 137 -1.13 24.60 -4.09
CA GLY A 137 -2.32 25.20 -4.71
C GLY A 137 -2.25 26.70 -4.88
N GLY A 138 -1.04 27.23 -5.06
CA GLY A 138 -0.81 28.66 -5.25
C GLY A 138 -0.58 29.44 -3.96
N VAL A 139 -0.70 28.77 -2.80
CA VAL A 139 -0.49 29.36 -1.48
C VAL A 139 1.00 29.72 -1.34
N LYS A 140 1.29 30.94 -0.86
CA LYS A 140 2.65 31.37 -0.58
C LYS A 140 3.07 30.68 0.73
N VAL A 141 4.18 29.92 0.71
CA VAL A 141 4.61 29.16 1.87
C VAL A 141 5.89 29.77 2.53
N LEU A 142 5.78 30.07 3.84
CA LEU A 142 6.86 30.65 4.65
C LEU A 142 7.23 29.63 5.73
N LEU A 143 8.35 28.95 5.52
CA LEU A 143 8.84 27.90 6.42
C LEU A 143 9.90 28.45 7.33
N LEU A 144 9.85 28.11 8.63
CA LEU A 144 10.88 28.57 9.59
C LEU A 144 11.28 27.39 10.45
N GLY A 145 12.56 27.25 10.68
CA GLY A 145 13.06 26.17 11.53
C GLY A 145 14.55 25.94 11.41
N ASP A 146 15.00 24.80 11.92
CA ASP A 146 16.41 24.51 12.00
C ASP A 146 16.64 23.00 11.91
N THR A 147 17.34 22.58 10.88
CA THR A 147 17.67 21.16 10.66
C THR A 147 18.74 20.60 11.66
N ARG A 148 19.38 21.45 12.53
CA ARG A 148 20.29 20.94 13.56
C ARG A 148 19.51 20.72 14.86
N GLN A 149 18.25 21.07 14.87
CA GLN A 149 17.38 20.74 15.99
C GLN A 149 16.72 19.39 15.67
N LEU A 150 15.69 18.98 16.41
CA LEU A 150 15.14 17.62 16.27
C LEU A 150 14.69 17.22 14.88
N GLU A 151 15.14 16.02 14.51
CA GLU A 151 14.77 15.37 13.25
C GLU A 151 13.33 14.89 13.34
N PRO A 152 12.62 14.69 12.20
CA PRO A 152 11.26 14.12 12.28
C PRO A 152 11.26 12.73 12.90
N VAL A 153 10.14 12.37 13.53
CA VAL A 153 9.95 11.09 14.21
C VAL A 153 9.65 9.98 13.20
N VAL A 154 10.51 8.96 13.13
CA VAL A 154 10.27 7.85 12.22
C VAL A 154 10.24 6.49 12.96
N PRO A 155 9.06 5.90 13.26
CA PRO A 155 9.03 4.53 13.86
C PRO A 155 9.78 3.55 12.94
N GLY A 156 10.57 2.68 13.54
CA GLY A 156 11.46 1.74 12.85
C GLY A 156 10.92 0.70 11.87
N GLY A 157 9.65 0.33 11.99
CA GLY A 157 9.14 -0.75 11.11
C GLY A 157 8.78 -0.41 9.66
N GLU A 158 7.51 -0.64 9.31
CA GLU A 158 6.97 -0.39 7.96
C GLU A 158 6.94 1.11 7.57
N GLU A 159 6.92 2.01 8.56
CA GLU A 159 6.95 3.46 8.31
C GLU A 159 8.30 3.90 7.74
N ALA A 160 9.40 3.43 8.35
CA ALA A 160 10.75 3.71 7.88
C ALA A 160 10.97 3.18 6.47
N LEU A 161 10.46 1.94 6.20
CA LEU A 161 10.59 1.29 4.89
C LEU A 161 9.88 2.09 3.84
N TYR A 162 8.61 2.43 4.10
CA TYR A 162 7.77 3.21 3.20
C TYR A 162 8.46 4.54 2.85
N ILE A 163 8.92 5.30 3.87
CA ILE A 163 9.60 6.58 3.70
C ILE A 163 10.90 6.44 2.87
N ALA A 164 11.72 5.42 3.18
CA ALA A 164 12.97 5.17 2.45
C ALA A 164 12.70 4.86 0.99
N ARG A 165 11.60 4.14 0.70
CA ARG A 165 11.19 3.73 -0.66
C ARG A 165 10.55 4.88 -1.46
N THR A 166 9.87 5.81 -0.77
CA THR A 166 9.07 6.85 -1.43
C THR A 166 9.80 8.18 -1.58
N TRP A 167 10.58 8.57 -0.59
CA TRP A 167 11.28 9.85 -0.58
C TRP A 167 12.77 9.68 -0.43
N GLY A 168 13.21 8.52 0.04
CA GLY A 168 14.63 8.27 0.26
C GLY A 168 15.06 8.65 1.67
N GLY A 169 14.32 9.54 2.31
CA GLY A 169 14.58 10.00 3.68
C GLY A 169 13.39 10.75 4.25
N PRO A 170 13.41 11.08 5.58
CA PRO A 170 12.22 11.66 6.22
C PRO A 170 12.13 13.20 6.34
N PHE A 171 13.16 13.92 5.89
CA PHE A 171 13.26 15.36 6.06
C PHE A 171 12.35 16.14 5.14
N PHE A 172 11.86 17.31 5.62
CA PHE A 172 10.95 18.18 4.83
C PHE A 172 11.51 18.53 3.46
N PHE A 173 12.85 18.76 3.38
CA PHE A 173 13.55 19.12 2.14
C PHE A 173 13.61 17.96 1.12
N GLN A 174 13.25 16.73 1.54
CA GLN A 174 13.24 15.59 0.60
C GLN A 174 11.88 15.41 -0.08
N ALA A 175 10.91 16.32 0.23
CA ALA A 175 9.58 16.32 -0.41
C ALA A 175 9.70 16.51 -1.93
N HIS A 176 8.90 15.74 -2.72
CA HIS A 176 8.94 15.83 -4.19
C HIS A 176 8.42 17.18 -4.68
N VAL A 177 7.67 17.93 -3.84
CA VAL A 177 7.17 19.26 -4.20
C VAL A 177 8.36 20.21 -4.60
N TRP A 178 9.53 20.03 -3.97
CA TRP A 178 10.70 20.87 -4.16
C TRP A 178 11.37 20.67 -5.54
N GLU A 179 10.92 19.67 -6.31
CA GLU A 179 11.34 19.49 -7.69
C GLU A 179 10.53 20.49 -8.56
N GLU A 180 9.35 20.94 -8.09
CA GLU A 180 8.46 21.84 -8.86
C GLU A 180 8.62 23.34 -8.51
N VAL A 181 9.18 23.65 -7.34
CA VAL A 181 9.33 25.04 -6.85
C VAL A 181 10.63 25.19 -6.10
N ALA A 182 11.36 26.30 -6.39
CA ALA A 182 12.60 26.65 -5.69
C ALA A 182 12.25 27.25 -4.33
N LEU A 183 13.00 26.84 -3.32
CA LEU A 183 12.84 27.34 -1.95
C LEU A 183 13.92 28.43 -1.73
N ARG A 184 13.50 29.69 -1.55
CA ARG A 184 14.45 30.77 -1.28
C ARG A 184 14.81 30.73 0.18
N VAL A 185 16.11 30.81 0.49
CA VAL A 185 16.62 30.67 1.84
C VAL A 185 17.12 31.99 2.41
N HIS A 186 16.64 32.33 3.62
CA HIS A 186 17.04 33.53 4.36
C HIS A 186 17.61 33.08 5.70
N ARG A 187 18.68 33.72 6.16
CA ARG A 187 19.38 33.30 7.38
C ARG A 187 19.37 34.28 8.50
N LEU A 188 19.27 33.73 9.73
CA LEU A 188 19.42 34.48 10.97
C LEU A 188 20.65 33.84 11.64
N TRP A 189 21.57 34.65 12.16
CA TRP A 189 22.82 34.18 12.77
C TRP A 189 22.98 34.56 14.23
N GLU A 190 22.44 35.73 14.62
CA GLU A 190 22.64 36.31 15.95
C GLU A 190 21.72 35.73 16.98
N SER A 191 22.30 35.22 18.08
CA SER A 191 21.51 34.66 19.18
C SER A 191 20.80 35.77 19.91
N GLN A 192 19.50 35.66 19.99
CA GLN A 192 18.74 36.65 20.73
C GLN A 192 18.44 36.06 22.12
N ARG A 193 18.18 34.73 22.19
CA ARG A 193 17.90 34.05 23.46
C ARG A 193 19.08 34.17 24.40
N GLN A 194 20.32 33.98 23.89
CA GLN A 194 21.54 34.02 24.72
C GLN A 194 22.36 35.30 24.56
N ARG A 195 21.72 36.39 24.13
CA ARG A 195 22.40 37.67 23.87
C ARG A 195 23.07 38.28 25.11
N GLU A 196 22.53 38.05 26.32
CA GLU A 196 23.14 38.56 27.56
C GLU A 196 24.29 37.66 28.05
N ASP A 197 24.49 36.46 27.43
CA ASP A 197 25.57 35.54 27.82
C ASP A 197 26.34 35.15 26.53
N PRO A 198 27.16 36.09 25.97
CA PRO A 198 27.84 35.82 24.70
C PRO A 198 28.77 34.61 24.68
N LEU A 199 29.41 34.23 25.81
CA LEU A 199 30.27 33.06 25.83
C LEU A 199 29.44 31.81 25.81
N PHE A 200 28.23 31.86 26.39
CA PHE A 200 27.30 30.73 26.32
C PHE A 200 26.76 30.58 24.90
N ALA A 201 26.45 31.72 24.20
CA ALA A 201 26.04 31.70 22.79
C ALA A 201 27.17 31.07 21.92
N GLU A 202 28.44 31.45 22.18
CA GLU A 202 29.58 30.89 21.44
C GLU A 202 29.80 29.39 21.76
N LEU A 203 29.64 28.97 23.03
CA LEU A 203 29.73 27.55 23.38
C LEU A 203 28.66 26.73 22.60
N LEU A 204 27.41 27.21 22.55
CA LEU A 204 26.32 26.56 21.80
C LEU A 204 26.66 26.45 20.32
N LYS A 205 27.25 27.52 19.76
CA LYS A 205 27.72 27.56 18.37
C LYS A 205 28.78 26.48 18.14
N ARG A 206 29.77 26.35 19.04
CA ARG A 206 30.81 25.31 18.92
C ARG A 206 30.24 23.90 19.04
N LEU A 207 29.24 23.71 19.94
CA LEU A 207 28.56 22.44 20.14
C LEU A 207 27.76 22.08 18.87
N ARG A 208 27.07 23.06 18.26
CA ARG A 208 26.34 22.92 17.02
C ARG A 208 27.31 22.37 15.94
N GLN A 209 28.54 22.90 15.88
CA GLN A 209 29.62 22.48 14.97
C GLN A 209 30.33 21.17 15.42
N GLY A 210 29.81 20.51 16.46
CA GLY A 210 30.35 19.26 17.00
C GLY A 210 31.74 19.32 17.62
N ASP A 211 32.18 20.51 18.13
CA ASP A 211 33.52 20.70 18.74
C ASP A 211 33.68 19.84 20.02
N PRO A 212 34.66 18.89 20.04
CA PRO A 212 34.80 18.01 21.23
C PRO A 212 35.27 18.74 22.48
N GLN A 213 36.04 19.83 22.34
CA GLN A 213 36.48 20.65 23.47
C GLN A 213 35.27 21.40 24.09
N ALA A 214 34.35 21.92 23.27
CA ALA A 214 33.14 22.59 23.79
C ALA A 214 32.29 21.60 24.60
N LEU A 215 32.26 20.30 24.19
CA LEU A 215 31.52 19.26 24.92
C LEU A 215 32.12 19.00 26.29
N GLU A 216 33.47 18.93 26.39
CA GLU A 216 34.13 18.70 27.69
C GLU A 216 33.98 19.96 28.57
N THR A 217 34.01 21.15 27.98
CA THR A 217 33.78 22.39 28.71
C THR A 217 32.35 22.39 29.27
N LEU A 218 31.35 22.03 28.43
CA LEU A 218 29.95 21.92 28.83
C LEU A 218 29.81 20.94 30.01
N ASN A 219 30.40 19.73 29.89
CA ASN A 219 30.37 18.71 30.93
C ASN A 219 30.93 19.19 32.27
N ARG A 220 32.13 19.81 32.26
CA ARG A 220 32.73 20.32 33.50
C ARG A 220 31.90 21.42 34.14
N ALA A 221 31.32 22.32 33.34
CA ALA A 221 30.51 23.43 33.87
C ALA A 221 29.08 23.07 34.28
N ALA A 222 28.34 22.30 33.45
CA ALA A 222 26.92 22.04 33.61
C ALA A 222 26.48 20.75 34.31
N VAL A 223 27.36 19.74 34.48
CA VAL A 223 26.94 18.51 35.17
C VAL A 223 26.65 18.80 36.64
N ARG A 224 25.38 18.64 37.04
CA ARG A 224 24.91 18.86 38.40
C ARG A 224 23.73 17.91 38.63
N PRO A 225 23.99 16.67 39.10
CA PRO A 225 22.90 15.70 39.29
C PRO A 225 21.69 16.17 40.12
N ASP A 226 21.87 17.13 41.09
CA ASP A 226 20.76 17.65 41.91
C ASP A 226 20.01 18.85 41.26
N GLY A 227 20.41 19.23 40.04
CA GLY A 227 19.82 20.35 39.28
C GLY A 227 18.32 20.32 39.06
N GLY A 228 17.75 19.12 38.96
CA GLY A 228 16.32 18.93 38.75
C GLY A 228 15.45 19.27 39.95
N GLU A 229 16.00 19.18 41.15
CA GLU A 229 15.29 19.40 42.42
C GLU A 229 15.14 20.86 42.83
N GLU A 230 15.76 21.78 42.08
CA GLU A 230 15.72 23.22 42.36
C GLU A 230 14.43 23.87 41.87
N PRO A 231 13.81 24.80 42.66
CA PRO A 231 12.55 25.43 42.24
C PRO A 231 12.61 26.13 40.89
N GLY A 232 11.50 26.08 40.16
CA GLY A 232 11.33 26.70 38.86
C GLY A 232 12.11 26.06 37.72
N THR A 233 12.51 24.78 37.88
CA THR A 233 13.25 24.04 36.86
C THR A 233 12.32 23.11 36.12
N LEU A 234 12.42 23.10 34.78
CA LEU A 234 11.69 22.15 33.96
C LEU A 234 12.70 21.04 33.66
N ILE A 235 12.29 19.77 33.86
CA ILE A 235 13.16 18.64 33.54
C ILE A 235 12.81 18.14 32.16
N LEU A 236 13.85 17.88 31.35
CA LEU A 236 13.70 17.30 30.03
C LEU A 236 14.32 15.91 30.01
N THR A 237 13.65 15.00 29.33
CA THR A 237 14.08 13.60 29.20
C THR A 237 14.01 13.20 27.73
N PRO A 238 14.82 12.22 27.27
CA PRO A 238 14.66 11.76 25.89
C PRO A 238 13.34 10.96 25.71
N ARG A 239 12.93 10.19 26.73
CA ARG A 239 11.76 9.28 26.68
C ARG A 239 10.61 9.65 27.59
N ARG A 240 9.39 9.26 27.14
CA ARG A 240 8.12 9.41 27.89
C ARG A 240 8.17 8.63 29.22
N LYS A 241 8.61 7.34 29.21
CA LYS A 241 8.72 6.50 30.42
C LYS A 241 9.68 7.10 31.46
N GLU A 242 10.72 7.83 31.00
CA GLU A 242 11.65 8.52 31.88
C GLU A 242 10.97 9.74 32.53
N ALA A 243 10.19 10.48 31.74
CA ALA A 243 9.44 11.62 32.26
C ALA A 243 8.37 11.13 33.24
N ASP A 244 7.70 9.99 32.92
CA ASP A 244 6.67 9.39 33.80
C ASP A 244 7.19 9.08 35.18
N ALA A 245 8.43 8.56 35.29
CA ALA A 245 9.06 8.21 36.57
C ALA A 245 9.37 9.46 37.38
N LEU A 246 9.91 10.49 36.73
CA LEU A 246 10.25 11.74 37.43
C LEU A 246 8.96 12.47 37.90
N ASN A 247 7.89 12.43 37.07
CA ASN A 247 6.57 13.03 37.39
C ASN A 247 5.91 12.32 38.57
N LEU A 248 5.91 10.97 38.56
CA LEU A 248 5.36 10.13 39.63
C LEU A 248 5.97 10.47 40.99
N LYS A 249 7.32 10.67 41.04
CA LYS A 249 8.04 11.01 42.28
C LYS A 249 7.61 12.37 42.83
N ARG A 250 7.44 13.38 41.96
CA ARG A 250 6.96 14.70 42.39
C ARG A 250 5.53 14.64 42.91
N LEU A 251 4.65 13.87 42.21
CA LEU A 251 3.25 13.69 42.54
C LEU A 251 3.14 13.02 43.92
N GLU A 252 3.97 11.99 44.17
CA GLU A 252 4.02 11.23 45.44
C GLU A 252 4.41 12.13 46.63
N ALA A 253 5.30 13.11 46.41
CA ALA A 253 5.71 14.07 47.45
C ALA A 253 4.62 15.07 47.82
N LEU A 254 3.64 15.35 46.91
CA LEU A 254 2.55 16.30 47.22
C LEU A 254 1.67 15.81 48.35
N PRO A 255 1.29 16.69 49.31
CA PRO A 255 0.49 16.21 50.45
C PRO A 255 -1.00 15.96 50.17
N GLY A 256 -1.52 16.51 49.08
CA GLY A 256 -2.93 16.39 48.72
C GLY A 256 -3.44 14.98 48.46
N LYS A 257 -4.72 14.74 48.73
CA LYS A 257 -5.41 13.49 48.47
C LYS A 257 -5.37 13.17 46.93
N PRO A 258 -4.90 11.95 46.51
CA PRO A 258 -4.89 11.65 45.07
C PRO A 258 -6.28 11.32 44.53
N LEU A 259 -6.47 11.57 43.23
CA LEU A 259 -7.70 11.27 42.51
C LEU A 259 -7.26 10.62 41.20
N GLU A 260 -7.76 9.41 40.95
CA GLU A 260 -7.43 8.63 39.76
C GLU A 260 -8.50 8.86 38.71
N TYR A 261 -8.07 9.05 37.46
CA TYR A 261 -8.92 9.28 36.31
C TYR A 261 -8.81 8.11 35.36
N GLN A 262 -9.82 7.25 35.39
CA GLN A 262 -9.88 6.06 34.55
C GLN A 262 -10.50 6.46 33.22
N ALA A 263 -9.75 6.31 32.14
CA ALA A 263 -10.22 6.61 30.79
C ALA A 263 -11.30 5.60 30.39
N GLN A 264 -12.37 6.08 29.75
CA GLN A 264 -13.45 5.23 29.27
C GLN A 264 -13.12 4.88 27.83
N VAL A 265 -12.78 3.60 27.58
CA VAL A 265 -12.42 3.09 26.25
C VAL A 265 -13.59 2.24 25.73
N LYS A 266 -14.15 2.65 24.59
CA LYS A 266 -15.28 1.97 23.96
C LYS A 266 -14.90 1.59 22.53
N GLY A 267 -15.39 0.44 22.09
CA GLY A 267 -15.13 -0.07 20.74
C GLY A 267 -13.69 -0.45 20.50
N GLU A 268 -13.29 -0.41 19.20
CA GLU A 268 -11.96 -0.85 18.72
C GLU A 268 -10.80 -0.23 19.50
N PHE A 269 -10.51 1.07 19.26
CA PHE A 269 -9.44 1.90 19.85
C PHE A 269 -8.22 1.13 20.36
N ALA A 270 -7.18 1.04 19.51
CA ALA A 270 -5.94 0.33 19.82
C ALA A 270 -5.15 0.99 20.96
N GLU A 271 -4.51 0.15 21.80
CA GLU A 271 -3.65 0.51 22.93
C GLU A 271 -2.38 1.21 22.39
N THR A 272 -1.63 1.92 23.27
CA THR A 272 -0.39 2.68 23.00
C THR A 272 -0.64 3.91 22.10
N ASP A 273 -1.90 4.10 21.63
CA ASP A 273 -2.34 5.22 20.80
C ASP A 273 -3.87 5.45 20.89
N PHE A 274 -4.47 5.90 22.02
CA PHE A 274 -4.03 6.32 23.36
C PHE A 274 -3.15 7.60 23.33
N PRO A 275 -3.84 8.77 23.36
CA PRO A 275 -3.16 10.09 23.36
C PRO A 275 -2.57 10.48 24.71
N THR A 276 -3.00 9.80 25.80
CA THR A 276 -2.58 9.98 27.20
C THR A 276 -2.79 8.67 27.95
N GLU A 277 -2.36 8.59 29.24
CA GLU A 277 -2.48 7.37 30.03
C GLU A 277 -3.93 7.08 30.46
N ALA A 278 -4.31 5.80 30.42
CA ALA A 278 -5.63 5.32 30.77
C ALA A 278 -5.97 5.48 32.26
N ALA A 279 -4.97 5.35 33.15
CA ALA A 279 -5.17 5.50 34.59
C ALA A 279 -4.27 6.64 35.09
N LEU A 280 -4.76 7.88 34.96
CA LEU A 280 -4.04 9.10 35.33
C LEU A 280 -4.36 9.53 36.76
N THR A 281 -3.32 9.65 37.60
CA THR A 281 -3.49 10.10 38.98
C THR A 281 -3.10 11.58 39.11
N LEU A 282 -3.98 12.39 39.72
CA LEU A 282 -3.67 13.80 39.93
C LEU A 282 -3.89 14.18 41.38
N LYS A 283 -3.30 15.33 41.77
CA LYS A 283 -3.46 15.91 43.11
C LYS A 283 -3.48 17.42 42.96
N LYS A 284 -3.99 18.13 43.99
CA LYS A 284 -3.93 19.60 44.06
C LYS A 284 -2.39 19.93 44.09
N GLY A 285 -1.98 20.89 43.27
CA GLY A 285 -0.60 21.32 43.16
C GLY A 285 0.19 20.65 42.06
N ALA A 286 -0.35 19.60 41.40
CA ALA A 286 0.36 18.89 40.33
C ALA A 286 0.61 19.80 39.11
N GLN A 287 1.85 19.77 38.60
CA GLN A 287 2.22 20.52 37.39
C GLN A 287 1.76 19.69 36.21
N VAL A 288 1.01 20.31 35.32
CA VAL A 288 0.44 19.61 34.18
C VAL A 288 0.65 20.35 32.87
N ILE A 289 0.45 19.65 31.77
CA ILE A 289 0.40 20.18 30.41
C ILE A 289 -0.97 19.79 29.82
N LEU A 290 -1.64 20.74 29.15
CA LEU A 290 -2.94 20.53 28.51
C LEU A 290 -2.72 19.93 27.13
N LEU A 291 -3.57 18.97 26.73
CA LEU A 291 -3.37 18.24 25.47
C LEU A 291 -4.32 18.60 24.34
N ARG A 292 -5.33 19.46 24.62
CA ARG A 292 -6.35 19.84 23.63
C ARG A 292 -6.63 21.31 23.70
N ASN A 293 -6.93 21.92 22.56
CA ASN A 293 -7.33 23.32 22.45
C ASN A 293 -8.75 23.39 22.93
N ASP A 294 -9.05 24.42 23.72
CA ASP A 294 -10.40 24.63 24.23
C ASP A 294 -11.30 25.02 23.05
N PRO A 295 -12.45 24.32 22.80
CA PRO A 295 -13.34 24.77 21.70
C PRO A 295 -13.82 26.22 21.91
N LEU A 296 -13.76 26.73 23.17
CA LEU A 296 -14.13 28.11 23.53
C LEU A 296 -12.93 29.09 23.48
N GLY A 297 -11.73 28.57 23.21
CA GLY A 297 -10.51 29.35 23.07
C GLY A 297 -9.85 29.94 24.31
N GLU A 298 -10.11 29.35 25.51
CA GLU A 298 -9.54 29.83 26.79
C GLU A 298 -8.26 29.11 27.21
N TYR A 299 -8.00 27.96 26.62
CA TYR A 299 -6.77 27.19 26.88
C TYR A 299 -6.37 26.46 25.62
N PHE A 300 -5.11 26.05 25.57
CA PHE A 300 -4.57 25.45 24.38
C PHE A 300 -3.76 24.22 24.63
N ASN A 301 -3.68 23.38 23.60
CA ASN A 301 -2.82 22.22 23.62
C ASN A 301 -1.39 22.80 23.78
N GLY A 302 -0.66 22.36 24.83
CA GLY A 302 0.68 22.85 25.13
C GLY A 302 0.74 23.73 26.35
N ASP A 303 -0.42 24.26 26.81
CA ASP A 303 -0.48 25.10 28.01
C ASP A 303 -0.01 24.32 29.25
N LEU A 304 0.94 24.87 29.98
CA LEU A 304 1.45 24.36 31.25
C LEU A 304 0.64 25.01 32.37
N GLY A 305 0.46 24.31 33.46
CA GLY A 305 -0.30 24.86 34.58
C GLY A 305 -0.26 24.00 35.82
N TRP A 306 -1.05 24.40 36.84
CA TRP A 306 -1.15 23.70 38.14
C TRP A 306 -2.57 23.42 38.53
N VAL A 307 -2.82 22.19 38.99
CA VAL A 307 -4.14 21.76 39.45
C VAL A 307 -4.45 22.47 40.78
N GLU A 308 -5.59 23.19 40.83
CA GLU A 308 -6.02 23.88 42.04
C GLU A 308 -7.25 23.21 42.62
N ASP A 309 -8.03 22.53 41.77
CA ASP A 309 -9.21 21.78 42.27
C ASP A 309 -9.41 20.58 41.38
N LEU A 310 -9.96 19.51 41.92
CA LEU A 310 -10.21 18.28 41.17
C LEU A 310 -11.36 17.47 41.70
N GLU A 311 -12.06 16.84 40.77
CA GLU A 311 -13.21 15.94 40.96
C GLU A 311 -13.28 14.99 39.76
N ALA A 312 -14.07 13.90 39.86
CA ALA A 312 -14.21 12.83 38.87
C ALA A 312 -14.41 13.31 37.42
N GLU A 313 -15.26 14.31 37.23
CA GLU A 313 -15.63 14.83 35.91
C GLU A 313 -15.14 16.26 35.63
N ALA A 314 -14.25 16.83 36.48
CA ALA A 314 -13.70 18.18 36.25
C ALA A 314 -12.47 18.51 37.06
N LEU A 315 -11.61 19.37 36.51
CA LEU A 315 -10.48 19.91 37.23
C LEU A 315 -10.24 21.36 36.90
N ALA A 316 -9.71 22.10 37.87
CA ALA A 316 -9.40 23.50 37.68
C ALA A 316 -7.92 23.64 37.64
N VAL A 317 -7.45 24.27 36.57
CA VAL A 317 -6.02 24.44 36.29
C VAL A 317 -5.66 25.91 36.22
N ARG A 318 -4.64 26.30 37.00
CA ARG A 318 -4.11 27.65 36.97
C ARG A 318 -3.06 27.67 35.86
N LEU A 319 -3.28 28.49 34.83
CA LEU A 319 -2.35 28.57 33.68
C LEU A 319 -1.13 29.44 33.93
N LYS A 320 0.04 28.95 33.51
CA LYS A 320 1.33 29.64 33.56
C LYS A 320 1.32 30.83 32.56
N ARG A 321 0.74 30.63 31.37
CA ARG A 321 0.67 31.65 30.32
C ARG A 321 -0.01 32.97 30.74
N ASN A 322 -1.12 32.92 31.48
CA ASN A 322 -1.88 34.14 31.80
C ASN A 322 -2.36 34.27 33.25
N GLY A 323 -1.98 33.35 34.13
CA GLY A 323 -2.39 33.36 35.54
C GLY A 323 -3.88 33.14 35.80
N ARG A 324 -4.61 32.61 34.81
CA ARG A 324 -6.06 32.39 34.96
C ARG A 324 -6.38 30.92 35.24
N ARG A 325 -7.55 30.69 35.85
CA ARG A 325 -8.04 29.36 36.13
C ARG A 325 -8.98 29.00 35.03
N VAL A 326 -8.82 27.78 34.54
CA VAL A 326 -9.68 27.18 33.52
C VAL A 326 -10.25 25.88 34.08
N VAL A 327 -11.44 25.54 33.65
CA VAL A 327 -12.12 24.29 34.06
C VAL A 327 -12.03 23.29 32.90
N ILE A 328 -11.38 22.14 33.17
CA ILE A 328 -11.11 21.10 32.19
C ILE A 328 -12.05 19.93 32.48
N ARG A 329 -12.77 19.48 31.47
CA ARG A 329 -13.64 18.33 31.60
C ARG A 329 -13.07 17.16 30.75
N PRO A 330 -13.46 15.87 30.93
CA PRO A 330 -12.90 14.82 30.05
C PRO A 330 -13.21 15.06 28.58
N PHE A 331 -12.25 14.69 27.72
CA PHE A 331 -12.36 14.85 26.27
C PHE A 331 -12.54 13.48 25.61
N VAL A 332 -13.36 13.42 24.55
CA VAL A 332 -13.64 12.20 23.80
C VAL A 332 -12.82 12.17 22.49
N TRP A 333 -11.79 11.32 22.45
CA TRP A 333 -10.98 11.09 21.26
C TRP A 333 -11.71 9.96 20.47
N GLU A 334 -12.12 10.23 19.21
CA GLU A 334 -12.91 9.30 18.36
C GLU A 334 -12.09 8.69 17.21
N LYS A 335 -11.90 7.35 17.17
CA LYS A 335 -11.20 6.72 16.04
C LYS A 335 -12.15 6.57 14.85
N ILE A 336 -11.89 7.32 13.75
CA ILE A 336 -12.78 7.35 12.56
C ILE A 336 -12.20 6.57 11.37
N VAL A 337 -13.08 5.85 10.64
CA VAL A 337 -12.76 5.08 9.42
C VAL A 337 -13.65 5.50 8.24
N VAL A 351 -16.41 6.02 13.00
CA VAL A 351 -16.46 6.19 14.46
C VAL A 351 -16.45 4.81 15.15
N VAL A 352 -15.43 4.01 14.85
CA VAL A 352 -15.24 2.63 15.31
C VAL A 352 -15.01 2.54 16.85
N GLY A 353 -14.20 3.44 17.42
CA GLY A 353 -13.91 3.45 18.85
C GLY A 353 -13.72 4.83 19.46
N THR A 354 -13.84 4.91 20.80
CA THR A 354 -13.67 6.15 21.56
C THR A 354 -12.75 5.94 22.78
N PHE A 355 -12.08 7.03 23.19
CA PHE A 355 -11.19 7.09 24.34
C PHE A 355 -11.49 8.43 25.03
N ARG A 356 -12.22 8.37 26.14
CA ARG A 356 -12.62 9.55 26.92
C ARG A 356 -11.73 9.67 28.15
N GLN A 357 -11.00 10.79 28.26
CA GLN A 357 -10.10 11.04 29.38
C GLN A 357 -9.88 12.54 29.54
N VAL A 358 -9.53 12.99 30.76
CA VAL A 358 -9.18 14.40 30.97
C VAL A 358 -7.90 14.70 30.14
N PRO A 359 -7.92 15.74 29.27
CA PRO A 359 -6.77 16.00 28.38
C PRO A 359 -5.60 16.70 29.07
N VAL A 360 -5.01 16.01 30.03
CA VAL A 360 -3.91 16.51 30.83
C VAL A 360 -2.85 15.41 31.01
N ARG A 361 -1.60 15.83 31.17
CA ARG A 361 -0.50 14.94 31.49
C ARG A 361 0.40 15.65 32.51
N LEU A 362 1.10 14.91 33.39
CA LEU A 362 2.02 15.51 34.35
C LEU A 362 3.18 16.14 33.62
N ALA A 363 3.67 17.27 34.13
CA ALA A 363 4.64 18.04 33.38
C ALA A 363 5.76 18.66 34.19
N TRP A 364 6.20 18.05 35.32
CA TRP A 364 7.43 18.55 35.95
C TRP A 364 8.61 18.12 35.04
N ALA A 365 8.42 17.02 34.33
CA ALA A 365 9.34 16.49 33.35
C ALA A 365 8.60 16.28 32.03
N LEU A 366 9.23 16.69 30.91
CA LEU A 366 8.68 16.52 29.57
C LEU A 366 9.73 16.01 28.66
N THR A 367 9.32 15.40 27.54
CA THR A 367 10.29 14.98 26.53
C THR A 367 10.98 16.24 25.95
N VAL A 368 12.18 16.05 25.38
CA VAL A 368 12.89 17.12 24.69
C VAL A 368 12.03 17.59 23.49
N HIS A 369 11.32 16.65 22.82
CA HIS A 369 10.43 16.99 21.68
C HIS A 369 9.36 18.05 22.07
N LYS A 370 8.82 17.96 23.31
CA LYS A 370 7.80 18.91 23.82
C LYS A 370 8.37 20.26 24.21
N ALA A 371 9.71 20.40 24.29
CA ALA A 371 10.32 21.68 24.67
C ALA A 371 10.82 22.46 23.47
N GLN A 372 10.94 21.82 22.27
CA GLN A 372 11.48 22.51 21.10
C GLN A 372 10.63 23.72 20.70
N GLY A 373 11.26 24.90 20.72
CA GLY A 373 10.59 26.17 20.41
C GLY A 373 10.42 27.07 21.63
N LEU A 374 10.56 26.50 22.83
CA LEU A 374 10.40 27.26 24.08
C LEU A 374 11.66 27.95 24.54
N THR A 375 11.47 29.07 25.25
CA THR A 375 12.52 29.78 25.97
C THR A 375 12.13 29.50 27.42
N LEU A 376 13.04 28.84 28.14
CA LEU A 376 12.78 28.42 29.53
C LEU A 376 13.69 29.15 30.47
N ASP A 377 13.18 29.45 31.69
CA ASP A 377 14.00 30.11 32.71
C ASP A 377 15.10 29.21 33.23
N LYS A 378 14.83 27.90 33.37
CA LYS A 378 15.79 26.98 33.96
C LYS A 378 15.49 25.57 33.47
N VAL A 379 16.53 24.86 33.02
CA VAL A 379 16.38 23.51 32.48
C VAL A 379 17.36 22.55 33.11
N HIS A 380 16.91 21.32 33.34
CA HIS A 380 17.75 20.21 33.81
C HIS A 380 17.51 19.05 32.83
N LEU A 381 18.56 18.61 32.15
CA LEU A 381 18.43 17.47 31.25
C LEU A 381 18.77 16.16 31.99
N GLU A 382 17.80 15.24 32.04
CA GLU A 382 17.96 13.89 32.60
C GLU A 382 18.27 13.00 31.42
N LEU A 383 19.50 12.45 31.36
CA LEU A 383 19.92 11.65 30.21
C LEU A 383 19.19 10.30 30.07
N GLY A 384 18.84 9.70 31.19
CA GLY A 384 18.19 8.39 31.25
C GLY A 384 19.00 7.33 30.51
N ARG A 385 18.32 6.62 29.60
CA ARG A 385 18.88 5.57 28.76
C ARG A 385 19.72 6.16 27.59
N GLY A 386 19.73 7.48 27.45
CA GLY A 386 20.55 8.14 26.44
C GLY A 386 19.79 8.84 25.34
N LEU A 387 20.55 9.54 24.51
CA LEU A 387 20.11 10.30 23.36
C LEU A 387 19.94 9.36 22.19
N PHE A 388 18.86 9.51 21.45
CA PHE A 388 18.59 8.64 20.30
C PHE A 388 18.24 9.43 19.05
N ALA A 389 17.93 10.73 19.20
CA ALA A 389 17.53 11.54 18.05
C ALA A 389 18.52 12.63 17.70
N HIS A 390 18.72 12.85 16.40
CA HIS A 390 19.57 13.91 15.90
C HIS A 390 18.96 15.26 16.31
N GLY A 391 19.79 16.13 16.87
CA GLY A 391 19.37 17.45 17.34
C GLY A 391 18.77 17.49 18.75
N GLN A 392 18.56 16.32 19.39
CA GLN A 392 17.95 16.18 20.74
C GLN A 392 18.74 16.90 21.83
N LEU A 393 20.06 16.68 21.90
CA LEU A 393 20.91 17.34 22.88
C LEU A 393 20.93 18.85 22.67
N TYR A 394 21.19 19.26 21.43
CA TYR A 394 21.26 20.65 21.04
C TYR A 394 19.98 21.41 21.44
N VAL A 395 18.79 20.83 21.22
CA VAL A 395 17.53 21.42 21.65
C VAL A 395 17.51 21.60 23.18
N ALA A 396 17.90 20.58 23.93
CA ALA A 396 17.89 20.65 25.41
C ALA A 396 18.76 21.77 25.96
N LEU A 397 19.97 21.94 25.39
CA LEU A 397 20.97 22.94 25.83
C LEU A 397 20.56 24.40 25.50
N THR A 398 19.90 24.59 24.37
CA THR A 398 19.57 25.91 23.81
C THR A 398 18.24 26.52 24.27
N ARG A 399 17.53 25.89 25.24
CA ARG A 399 16.25 26.40 25.74
C ARG A 399 16.40 27.60 26.65
N VAL A 400 17.58 27.76 27.27
CA VAL A 400 17.86 28.78 28.27
C VAL A 400 18.72 29.95 27.76
N ARG A 401 18.69 31.07 28.50
CA ARG A 401 19.42 32.29 28.15
C ARG A 401 20.85 32.29 28.60
N ARG A 402 21.14 31.65 29.73
CA ARG A 402 22.46 31.68 30.34
C ARG A 402 22.90 30.27 30.72
N LEU A 403 24.22 30.04 30.75
CA LEU A 403 24.80 28.76 31.14
C LEU A 403 24.33 28.30 32.53
N GLN A 404 24.25 29.25 33.50
CA GLN A 404 23.83 28.97 34.88
C GLN A 404 22.38 28.42 35.00
N ASP A 405 21.56 28.63 33.97
CA ASP A 405 20.16 28.17 33.90
C ASP A 405 20.09 26.71 33.40
N LEU A 406 21.21 26.13 33.02
CA LEU A 406 21.28 24.78 32.47
C LEU A 406 22.03 23.82 33.40
N SER A 407 21.50 22.59 33.56
CA SER A 407 22.20 21.53 34.27
C SER A 407 21.93 20.19 33.59
N LEU A 408 22.93 19.29 33.68
CA LEU A 408 22.91 17.95 33.11
C LEU A 408 22.99 16.93 34.22
N SER A 409 22.34 15.78 34.06
CA SER A 409 22.39 14.75 35.09
C SER A 409 23.75 14.04 35.11
N ARG A 410 24.43 13.96 33.96
CA ARG A 410 25.72 13.25 33.87
C ARG A 410 26.55 13.81 32.70
N PRO A 411 27.89 13.55 32.65
CA PRO A 411 28.66 14.00 31.47
C PRO A 411 28.25 13.23 30.21
N ILE A 412 28.39 13.87 29.07
CA ILE A 412 28.02 13.28 27.78
C ILE A 412 29.29 12.92 27.02
N ALA A 413 29.34 11.70 26.44
CA ALA A 413 30.55 11.31 25.67
C ALA A 413 30.44 11.76 24.20
N PRO A 414 31.57 12.07 23.49
CA PRO A 414 31.48 12.49 22.08
C PRO A 414 30.83 11.44 21.15
N THR A 415 30.93 10.16 21.53
CA THR A 415 30.32 9.03 20.81
C THR A 415 28.77 9.04 20.83
N GLU A 416 28.16 9.84 21.72
CA GLU A 416 26.69 9.96 21.82
C GLU A 416 26.08 10.90 20.75
N LEU A 417 26.90 11.77 20.14
CA LEU A 417 26.47 12.75 19.12
C LEU A 417 26.16 12.08 17.79
N LEU A 418 25.09 12.55 17.11
CA LEU A 418 24.66 11.92 15.86
C LEU A 418 24.98 12.75 14.62
N TRP A 419 25.17 12.06 13.50
CA TRP A 419 25.43 12.68 12.20
C TRP A 419 24.35 12.26 11.21
N ARG A 420 23.76 13.23 10.52
CA ARG A 420 22.77 12.98 9.48
C ARG A 420 23.31 13.48 8.16
N PRO A 421 23.84 12.56 7.30
CA PRO A 421 24.44 12.99 6.02
C PRO A 421 23.49 13.82 5.16
N GLU A 422 22.17 13.45 5.13
CA GLU A 422 21.14 14.15 4.32
C GLU A 422 20.97 15.60 4.80
N VAL A 423 21.13 15.85 6.11
CA VAL A 423 21.07 17.20 6.67
C VAL A 423 22.30 18.00 6.21
N GLU A 424 23.50 17.41 6.28
CA GLU A 424 24.73 18.07 5.83
C GLU A 424 24.65 18.43 4.32
N VAL A 425 24.14 17.52 3.46
CA VAL A 425 24.00 17.80 2.03
C VAL A 425 23.09 19.02 1.87
N PHE A 426 21.94 19.04 2.57
CA PHE A 426 20.99 20.14 2.50
C PHE A 426 21.66 21.45 2.96
N GLU A 427 22.34 21.40 4.11
CA GLU A 427 22.95 22.58 4.74
C GLU A 427 24.04 23.18 3.91
N THR A 428 24.82 22.34 3.25
CA THR A 428 25.85 22.80 2.33
C THR A 428 25.23 23.50 1.12
N ARG A 429 24.28 22.83 0.46
CA ARG A 429 23.58 23.38 -0.69
C ARG A 429 22.86 24.71 -0.41
N ILE A 430 22.23 24.89 0.77
CA ILE A 430 21.47 26.15 1.00
C ILE A 430 22.39 27.38 1.25
N GLN A 431 23.72 27.15 1.42
CA GLN A 431 24.72 28.22 1.59
C GLN A 431 24.65 29.21 0.41
N GLU A 432 24.12 28.72 -0.74
CA GLU A 432 23.90 29.47 -1.95
C GLU A 432 22.58 30.28 -1.97
N GLY A 433 21.78 30.19 -0.89
CA GLY A 433 20.52 30.92 -0.74
C GLY A 433 19.32 30.33 -1.46
N ILE A 434 19.44 29.07 -1.92
CA ILE A 434 18.37 28.38 -2.64
C ILE A 434 18.40 26.86 -2.37
N TRP A 435 17.24 26.22 -2.46
CA TRP A 435 17.10 24.78 -2.40
C TRP A 435 16.20 24.38 -3.55
N GLN A 436 16.77 23.60 -4.46
CA GLN A 436 16.08 23.07 -5.64
C GLN A 436 16.36 21.58 -5.68
N LYS A 437 15.36 20.76 -5.37
CA LYS A 437 15.54 19.31 -5.36
C LYS A 437 15.57 18.78 -6.80
N SER A 438 16.53 17.89 -7.10
CA SER A 438 16.70 17.30 -8.44
C SER A 438 15.59 16.30 -8.77
N LEU B 5 -11.36 -29.21 -38.86
CA LEU B 5 -10.63 -30.25 -39.57
C LEU B 5 -11.26 -31.64 -39.42
N SER B 6 -11.56 -32.11 -38.18
CA SER B 6 -12.23 -33.42 -38.07
C SER B 6 -13.69 -33.23 -38.51
N SER B 7 -14.36 -34.31 -38.92
CA SER B 7 -15.77 -34.22 -39.35
C SER B 7 -16.67 -33.70 -38.20
N GLU B 8 -16.33 -34.07 -36.96
CA GLU B 8 -16.98 -33.67 -35.72
C GLU B 8 -16.84 -32.14 -35.51
N GLN B 9 -15.62 -31.61 -35.71
CA GLN B 9 -15.26 -30.18 -35.55
C GLN B 9 -15.92 -29.37 -36.66
N GLN B 10 -15.87 -29.89 -37.90
CA GLN B 10 -16.47 -29.34 -39.11
C GLN B 10 -17.99 -29.12 -38.94
N ARG B 11 -18.72 -30.13 -38.43
CA ARG B 11 -20.17 -30.05 -38.17
C ARG B 11 -20.47 -28.97 -37.13
N ALA B 12 -19.68 -28.89 -36.01
CA ALA B 12 -19.87 -27.87 -34.98
C ALA B 12 -19.55 -26.48 -35.56
N PHE B 13 -18.51 -26.36 -36.43
CA PHE B 13 -18.12 -25.12 -37.12
C PHE B 13 -19.30 -24.60 -37.93
N LEU B 14 -19.94 -25.47 -38.74
CA LEU B 14 -21.08 -25.10 -39.57
C LEU B 14 -22.31 -24.77 -38.72
N ALA B 15 -22.60 -25.58 -37.68
CA ALA B 15 -23.74 -25.32 -36.80
C ALA B 15 -23.71 -23.93 -36.17
N VAL B 16 -22.52 -23.47 -35.75
CA VAL B 16 -22.33 -22.18 -35.12
C VAL B 16 -22.29 -20.99 -36.11
N THR B 17 -21.56 -21.14 -37.25
CA THR B 17 -21.39 -20.05 -38.22
C THR B 17 -22.59 -19.79 -39.14
N GLN B 18 -23.39 -20.83 -39.47
CA GLN B 18 -24.51 -20.70 -40.43
C GLN B 18 -25.82 -20.23 -39.84
N THR B 19 -25.91 -20.10 -38.52
CA THR B 19 -27.17 -19.68 -37.91
C THR B 19 -27.11 -18.29 -37.31
N PRO B 20 -28.22 -17.52 -37.29
CA PRO B 20 -28.17 -16.24 -36.59
C PRO B 20 -28.30 -16.39 -35.07
N HIS B 21 -28.64 -17.60 -34.54
CA HIS B 21 -28.77 -17.85 -33.08
C HIS B 21 -27.54 -17.29 -32.30
N PRO B 22 -27.76 -16.40 -31.29
CA PRO B 22 -26.62 -15.68 -30.68
C PRO B 22 -25.90 -16.32 -29.47
N ALA B 23 -26.23 -17.55 -29.08
CA ALA B 23 -25.57 -18.17 -27.93
C ALA B 23 -25.31 -19.64 -28.15
N HIS B 24 -24.01 -20.01 -28.20
CA HIS B 24 -23.57 -21.38 -28.47
C HIS B 24 -22.53 -21.85 -27.49
N LEU B 25 -22.59 -23.14 -27.17
CA LEU B 25 -21.64 -23.83 -26.31
C LEU B 25 -21.11 -25.02 -27.07
N ILE B 26 -19.80 -25.09 -27.21
CA ILE B 26 -19.15 -26.25 -27.82
C ILE B 26 -18.45 -26.93 -26.65
N THR B 27 -18.91 -28.12 -26.30
CA THR B 27 -18.36 -28.82 -25.16
C THR B 27 -17.99 -30.26 -25.50
N GLY B 28 -17.09 -30.80 -24.71
CA GLY B 28 -16.62 -32.16 -24.85
C GLY B 28 -15.43 -32.45 -23.95
N PRO B 29 -15.07 -33.76 -23.83
CA PRO B 29 -13.92 -34.13 -22.98
C PRO B 29 -12.59 -33.43 -23.31
N ALA B 30 -11.60 -33.59 -22.43
CA ALA B 30 -10.28 -33.00 -22.68
C ALA B 30 -9.68 -33.50 -24.03
N GLY B 31 -9.02 -32.59 -24.73
CA GLY B 31 -8.31 -32.87 -25.97
C GLY B 31 -9.12 -33.30 -27.17
N THR B 32 -10.44 -33.01 -27.21
CA THR B 32 -11.30 -33.33 -28.35
C THR B 32 -11.15 -32.33 -29.49
N GLY B 33 -10.36 -31.28 -29.28
CA GLY B 33 -10.08 -30.27 -30.29
C GLY B 33 -10.99 -29.05 -30.25
N LYS B 34 -11.43 -28.63 -29.04
CA LYS B 34 -12.27 -27.42 -28.86
C LYS B 34 -11.49 -26.15 -29.20
N THR B 35 -10.25 -26.01 -28.73
CA THR B 35 -9.48 -24.79 -29.05
C THR B 35 -9.05 -24.79 -30.50
N THR B 36 -8.82 -25.97 -31.08
CA THR B 36 -8.47 -26.10 -32.50
C THR B 36 -9.66 -25.62 -33.35
N LEU B 37 -10.89 -25.92 -32.91
CA LEU B 37 -12.10 -25.42 -33.60
C LEU B 37 -12.15 -23.89 -33.41
N LEU B 38 -11.80 -23.40 -32.21
CA LEU B 38 -11.74 -21.97 -31.93
C LEU B 38 -10.80 -21.24 -32.92
N TYR B 39 -9.64 -21.85 -33.33
CA TYR B 39 -8.77 -21.19 -34.34
C TYR B 39 -9.52 -21.04 -35.69
N ALA B 40 -10.33 -22.07 -36.08
CA ALA B 40 -11.10 -21.97 -37.35
C ALA B 40 -12.17 -20.87 -37.23
N LEU B 41 -12.78 -20.72 -36.05
CA LEU B 41 -13.76 -19.65 -35.78
C LEU B 41 -13.10 -18.27 -35.84
N GLN B 42 -11.84 -18.16 -35.37
CA GLN B 42 -11.11 -16.88 -35.45
C GLN B 42 -10.79 -16.52 -36.91
N GLU B 43 -10.48 -17.52 -37.77
CA GLU B 43 -10.20 -17.25 -39.18
C GLU B 43 -11.49 -16.83 -39.90
N PHE B 44 -12.63 -17.42 -39.50
CA PHE B 44 -13.93 -17.07 -40.09
C PHE B 44 -14.35 -15.63 -39.70
N TYR B 45 -14.33 -15.30 -38.42
CA TYR B 45 -14.78 -14.00 -37.94
C TYR B 45 -13.73 -12.90 -37.98
N LYS B 46 -12.43 -13.25 -38.00
CA LYS B 46 -11.29 -12.32 -38.00
C LYS B 46 -11.52 -11.12 -37.03
N GLY B 47 -11.55 -9.88 -37.54
CA GLY B 47 -11.74 -8.66 -36.76
C GLY B 47 -13.04 -8.51 -35.98
N ARG B 48 -14.11 -9.24 -36.38
CA ARG B 48 -15.44 -9.21 -35.76
C ARG B 48 -15.47 -9.87 -34.40
N ALA B 49 -14.52 -10.78 -34.15
CA ALA B 49 -14.46 -11.51 -32.89
C ALA B 49 -13.36 -11.07 -31.94
N VAL B 50 -13.69 -11.11 -30.64
CA VAL B 50 -12.77 -10.86 -29.54
C VAL B 50 -12.70 -12.23 -28.84
N THR B 51 -11.48 -12.78 -28.66
CA THR B 51 -11.30 -14.08 -27.99
C THR B 51 -10.80 -13.88 -26.58
N LEU B 52 -11.56 -14.39 -25.60
CA LEU B 52 -11.23 -14.30 -24.18
C LEU B 52 -11.19 -15.64 -23.54
N ALA B 53 -10.50 -15.73 -22.38
CA ALA B 53 -10.39 -16.94 -21.56
C ALA B 53 -10.09 -16.51 -20.10
N PRO B 54 -10.51 -17.32 -19.09
CA PRO B 54 -10.34 -16.89 -17.68
C PRO B 54 -8.90 -16.80 -17.16
N THR B 55 -7.94 -17.60 -17.70
CA THR B 55 -6.55 -17.59 -17.18
C THR B 55 -5.58 -17.10 -18.26
N GLY B 56 -4.38 -16.64 -17.84
CA GLY B 56 -3.30 -16.21 -18.73
C GLY B 56 -2.90 -17.34 -19.67
N THR B 57 -2.80 -18.56 -19.12
CA THR B 57 -2.51 -19.78 -19.90
C THR B 57 -3.58 -20.09 -20.96
N ALA B 58 -4.86 -20.15 -20.54
CA ALA B 58 -5.94 -20.46 -21.47
C ALA B 58 -6.07 -19.39 -22.55
N ALA B 59 -5.87 -18.10 -22.19
CA ALA B 59 -5.94 -16.97 -23.12
C ALA B 59 -4.87 -17.06 -24.18
N LEU B 60 -3.63 -17.40 -23.78
CA LEU B 60 -2.52 -17.55 -24.73
C LEU B 60 -2.79 -18.79 -25.64
N GLN B 61 -3.26 -19.90 -25.06
CA GLN B 61 -3.60 -21.10 -25.84
C GLN B 61 -4.67 -20.76 -26.89
N ALA B 62 -5.65 -19.91 -26.52
CA ALA B 62 -6.73 -19.47 -27.40
C ALA B 62 -6.36 -18.27 -28.31
N ARG B 63 -5.09 -17.83 -28.28
CA ARG B 63 -4.59 -16.68 -29.07
C ARG B 63 -5.47 -15.44 -28.78
N GLY B 64 -5.80 -15.27 -27.50
CA GLY B 64 -6.65 -14.18 -27.04
C GLY B 64 -6.08 -13.48 -25.84
N GLN B 65 -6.98 -12.95 -25.00
CA GLN B 65 -6.67 -12.18 -23.80
C GLN B 65 -7.51 -12.69 -22.66
N THR B 66 -7.08 -12.41 -21.43
CA THR B 66 -7.91 -12.77 -20.28
C THR B 66 -9.15 -11.86 -20.28
N VAL B 67 -10.25 -12.33 -19.66
CA VAL B 67 -11.50 -11.60 -19.55
C VAL B 67 -11.24 -10.29 -18.78
N HIS B 68 -10.49 -10.39 -17.65
CA HIS B 68 -10.15 -9.25 -16.81
C HIS B 68 -9.33 -8.17 -17.51
N SER B 69 -8.30 -8.51 -18.31
CA SER B 69 -7.50 -7.50 -19.00
C SER B 69 -8.28 -6.83 -20.14
N PHE B 70 -9.17 -7.57 -20.83
CA PHE B 70 -9.95 -6.95 -21.91
C PHE B 70 -10.93 -5.91 -21.35
N PHE B 71 -11.80 -6.33 -20.42
CA PHE B 71 -12.81 -5.47 -19.82
C PHE B 71 -12.29 -4.55 -18.72
N ARG B 72 -11.01 -4.74 -18.29
CA ARG B 72 -10.38 -3.98 -17.20
C ARG B 72 -11.16 -4.15 -15.88
N PHE B 73 -11.69 -5.37 -15.64
CA PHE B 73 -12.41 -5.64 -14.39
C PHE B 73 -11.37 -5.81 -13.29
N PRO B 74 -11.64 -5.40 -12.02
CA PRO B 74 -10.65 -5.61 -10.97
C PRO B 74 -10.54 -7.12 -10.65
N ALA B 75 -9.34 -7.55 -10.23
CA ALA B 75 -9.05 -8.92 -9.88
C ALA B 75 -9.57 -9.33 -8.50
N ARG B 76 -10.89 -9.20 -8.32
CA ARG B 76 -11.62 -9.53 -7.09
C ARG B 76 -13.10 -9.85 -7.40
N LEU B 77 -13.91 -10.20 -6.36
CA LEU B 77 -15.35 -10.50 -6.47
C LEU B 77 -16.14 -9.26 -6.92
N LEU B 78 -17.24 -9.50 -7.69
CA LEU B 78 -18.14 -8.46 -8.20
C LEU B 78 -19.61 -8.94 -8.22
N ARG B 79 -20.54 -8.14 -7.62
CA ARG B 79 -21.97 -8.52 -7.52
C ARG B 79 -22.80 -8.11 -8.75
N TYR B 80 -24.01 -8.70 -8.84
CA TYR B 80 -25.01 -8.58 -9.90
C TYR B 80 -25.38 -7.16 -10.30
N ARG B 81 -25.10 -6.85 -11.58
CA ARG B 81 -25.36 -5.63 -12.35
C ARG B 81 -25.25 -4.31 -11.54
N HIS B 82 -24.19 -4.17 -10.71
CA HIS B 82 -23.96 -2.95 -9.94
C HIS B 82 -22.85 -2.09 -10.59
N PRO B 83 -22.87 -0.74 -10.45
CA PRO B 83 -21.84 0.07 -11.13
C PRO B 83 -20.52 0.28 -10.38
N GLU B 84 -20.41 -0.15 -9.11
CA GLU B 84 -19.18 0.02 -8.31
C GLU B 84 -18.00 -0.83 -8.83
N ASP B 85 -18.27 -1.99 -9.46
CA ASP B 85 -17.24 -2.87 -10.02
C ASP B 85 -17.36 -3.02 -11.54
N ILE B 86 -18.60 -2.95 -12.08
CA ILE B 86 -18.85 -3.06 -13.52
C ILE B 86 -18.97 -1.66 -14.09
N ARG B 87 -17.84 -1.05 -14.46
CA ARG B 87 -17.86 0.30 -15.01
C ARG B 87 -17.55 0.30 -16.51
N PRO B 88 -18.43 0.97 -17.31
CA PRO B 88 -18.20 1.03 -18.76
C PRO B 88 -16.98 1.91 -19.10
N PRO B 89 -16.27 1.64 -20.23
CA PRO B 89 -15.08 2.46 -20.56
C PRO B 89 -15.41 3.91 -20.92
N GLY B 90 -14.37 4.76 -20.97
CA GLY B 90 -14.46 6.18 -21.29
C GLY B 90 -15.07 6.49 -22.65
N PRO B 91 -15.65 7.71 -22.83
CA PRO B 91 -16.31 8.05 -24.11
C PRO B 91 -15.49 7.93 -25.39
N HIS B 92 -14.16 8.14 -25.33
CA HIS B 92 -13.32 8.04 -26.53
C HIS B 92 -12.09 7.14 -26.29
N SER B 93 -12.31 6.02 -25.58
CA SER B 93 -11.27 5.04 -25.26
C SER B 93 -11.17 3.95 -26.33
N PRO B 94 -9.98 3.33 -26.53
CA PRO B 94 -9.88 2.21 -27.49
C PRO B 94 -10.75 1.02 -27.09
N LEU B 95 -11.06 0.86 -25.77
CA LEU B 95 -11.91 -0.22 -25.27
C LEU B 95 -13.38 -0.02 -25.63
N ARG B 96 -13.90 1.23 -25.50
CA ARG B 96 -15.29 1.57 -25.88
C ARG B 96 -15.54 1.26 -27.36
N LYS B 97 -14.57 1.60 -28.24
CA LYS B 97 -14.61 1.34 -29.68
C LYS B 97 -14.62 -0.17 -29.97
N ALA B 98 -13.75 -0.94 -29.27
CA ALA B 98 -13.65 -2.40 -29.39
C ALA B 98 -14.96 -3.09 -29.00
N ILE B 99 -15.61 -2.65 -27.89
CA ILE B 99 -16.88 -3.22 -27.42
C ILE B 99 -18.03 -2.87 -28.38
N GLU B 100 -18.11 -1.60 -28.81
CA GLU B 100 -19.14 -1.11 -29.73
C GLU B 100 -19.09 -1.78 -31.09
N GLN B 101 -17.88 -2.10 -31.60
CA GLN B 101 -17.68 -2.65 -32.93
C GLN B 101 -17.75 -4.17 -33.00
N MET B 102 -17.51 -4.84 -31.85
CA MET B 102 -17.54 -6.29 -31.68
C MET B 102 -18.87 -6.88 -32.13
N GLU B 103 -18.80 -8.04 -32.78
CA GLU B 103 -19.97 -8.78 -33.22
C GLU B 103 -20.02 -10.14 -32.53
N VAL B 104 -18.84 -10.73 -32.26
CA VAL B 104 -18.74 -12.06 -31.69
C VAL B 104 -17.80 -12.08 -30.48
N LEU B 105 -18.22 -12.79 -29.43
CA LEU B 105 -17.41 -13.00 -28.24
C LEU B 105 -17.07 -14.49 -28.22
N ILE B 106 -15.78 -14.82 -28.30
CA ILE B 106 -15.35 -16.22 -28.22
C ILE B 106 -14.76 -16.39 -26.82
N LEU B 107 -15.39 -17.26 -26.02
CA LEU B 107 -14.94 -17.50 -24.65
C LEU B 107 -14.48 -18.95 -24.44
N ASP B 108 -13.15 -19.15 -24.37
CA ASP B 108 -12.58 -20.47 -24.15
C ASP B 108 -12.42 -20.80 -22.67
N GLU B 109 -12.29 -22.10 -22.35
CA GLU B 109 -12.22 -22.64 -20.98
C GLU B 109 -13.34 -22.08 -20.10
N VAL B 110 -14.57 -22.09 -20.63
CA VAL B 110 -15.76 -21.51 -19.99
C VAL B 110 -16.09 -22.18 -18.63
N GLY B 111 -15.72 -23.45 -18.48
CA GLY B 111 -15.94 -24.18 -17.23
C GLY B 111 -15.21 -23.52 -16.07
N MET B 112 -14.11 -22.81 -16.35
CA MET B 112 -13.33 -22.11 -15.34
C MET B 112 -13.85 -20.69 -15.12
N VAL B 113 -14.80 -20.22 -15.94
CA VAL B 113 -15.36 -18.87 -15.83
C VAL B 113 -16.39 -18.85 -14.71
N ARG B 114 -16.09 -18.13 -13.62
CA ARG B 114 -17.02 -18.03 -12.49
C ARG B 114 -18.28 -17.24 -12.89
N VAL B 115 -19.43 -17.62 -12.33
CA VAL B 115 -20.75 -17.03 -12.58
C VAL B 115 -20.74 -15.48 -12.57
N ASP B 116 -20.07 -14.85 -11.58
CA ASP B 116 -19.97 -13.39 -11.48
C ASP B 116 -19.21 -12.82 -12.67
N LEU B 117 -18.16 -13.53 -13.17
CA LEU B 117 -17.36 -13.10 -14.31
C LEU B 117 -18.20 -13.09 -15.58
N LEU B 118 -19.00 -14.16 -15.82
CA LEU B 118 -19.91 -14.23 -16.98
C LEU B 118 -20.98 -13.14 -16.93
N GLU B 119 -21.60 -12.95 -15.74
CA GLU B 119 -22.64 -11.92 -15.52
C GLU B 119 -22.08 -10.52 -15.73
N ALA B 120 -20.81 -10.28 -15.30
CA ALA B 120 -20.15 -8.99 -15.46
C ALA B 120 -19.87 -8.70 -16.94
N MET B 121 -19.53 -9.76 -17.72
CA MET B 121 -19.31 -9.64 -19.15
C MET B 121 -20.61 -9.23 -19.80
N ASP B 122 -21.73 -9.91 -19.45
CA ASP B 122 -23.06 -9.59 -19.95
C ASP B 122 -23.39 -8.10 -19.76
N TRP B 123 -23.42 -7.61 -18.50
CA TRP B 123 -23.78 -6.22 -18.21
C TRP B 123 -22.76 -5.18 -18.71
N ALA B 124 -21.43 -5.50 -18.73
CA ALA B 124 -20.42 -4.56 -19.24
C ALA B 124 -20.66 -4.29 -20.73
N LEU B 125 -21.00 -5.35 -21.49
CA LEU B 125 -21.31 -5.33 -22.92
C LEU B 125 -22.66 -4.65 -23.18
N ARG B 126 -23.65 -4.92 -22.31
CA ARG B 126 -25.04 -4.45 -22.36
C ARG B 126 -25.22 -2.93 -22.34
N LYS B 127 -24.57 -2.23 -21.39
CA LYS B 127 -24.73 -0.78 -21.28
C LYS B 127 -23.69 0.02 -22.07
N THR B 128 -22.60 -0.63 -22.53
CA THR B 128 -21.61 0.05 -23.38
C THR B 128 -22.23 0.17 -24.79
N ARG B 129 -23.05 -0.82 -25.17
CA ARG B 129 -23.77 -0.89 -26.43
C ARG B 129 -25.22 -0.35 -26.28
N LYS B 130 -25.64 -0.07 -25.03
CA LYS B 130 -26.95 0.45 -24.61
C LYS B 130 -28.14 -0.38 -25.11
N ARG B 131 -28.14 -1.69 -24.79
CA ARG B 131 -29.19 -2.66 -25.13
C ARG B 131 -29.59 -3.49 -23.90
N LEU B 132 -30.43 -2.89 -23.04
CA LEU B 132 -30.98 -3.39 -21.77
C LEU B 132 -31.76 -4.69 -21.89
N GLU B 133 -32.58 -4.82 -22.93
CA GLU B 133 -33.42 -6.00 -23.17
C GLU B 133 -32.76 -7.05 -24.09
N GLU B 134 -31.42 -6.99 -24.25
CA GLU B 134 -30.67 -7.93 -25.10
C GLU B 134 -29.48 -8.57 -24.39
N PRO B 135 -29.40 -9.94 -24.34
CA PRO B 135 -28.27 -10.61 -23.68
C PRO B 135 -26.93 -10.33 -24.39
N PHE B 136 -25.94 -9.86 -23.61
CA PHE B 136 -24.58 -9.48 -24.04
C PHE B 136 -24.57 -8.28 -25.02
N GLY B 137 -25.67 -7.52 -25.03
CA GLY B 137 -25.84 -6.34 -25.87
C GLY B 137 -25.97 -6.65 -27.35
N GLY B 138 -26.41 -7.87 -27.67
CA GLY B 138 -26.60 -8.34 -29.04
C GLY B 138 -25.41 -9.06 -29.64
N VAL B 139 -24.29 -9.13 -28.87
CA VAL B 139 -23.06 -9.81 -29.28
C VAL B 139 -23.33 -11.32 -29.35
N LYS B 140 -22.91 -11.96 -30.45
CA LYS B 140 -23.03 -13.41 -30.62
C LYS B 140 -21.97 -14.04 -29.71
N VAL B 141 -22.38 -14.93 -28.81
CA VAL B 141 -21.44 -15.53 -27.86
C VAL B 141 -21.17 -17.03 -28.18
N LEU B 142 -19.88 -17.37 -28.33
CA LEU B 142 -19.41 -18.74 -28.64
C LEU B 142 -18.54 -19.20 -27.47
N LEU B 143 -19.12 -20.06 -26.62
CA LEU B 143 -18.46 -20.58 -25.43
C LEU B 143 -17.90 -21.95 -25.71
N LEU B 144 -16.68 -22.22 -25.23
CA LEU B 144 -16.05 -23.53 -25.40
C LEU B 144 -15.41 -23.94 -24.09
N GLY B 145 -15.58 -25.20 -23.72
CA GLY B 145 -15.01 -25.68 -22.48
C GLY B 145 -15.57 -27.01 -22.03
N ASP B 146 -15.30 -27.35 -20.77
CA ASP B 146 -15.68 -28.64 -20.22
C ASP B 146 -15.92 -28.50 -18.74
N THR B 147 -17.15 -28.78 -18.30
CA THR B 147 -17.52 -28.71 -16.88
C THR B 147 -16.94 -29.84 -16.03
N ARG B 148 -16.35 -30.88 -16.68
CA ARG B 148 -15.72 -31.97 -15.96
C ARG B 148 -14.23 -31.67 -15.73
N GLN B 149 -13.77 -30.51 -16.20
CA GLN B 149 -12.43 -29.99 -15.94
C GLN B 149 -12.56 -29.00 -14.75
N LEU B 150 -11.55 -28.17 -14.46
CA LEU B 150 -11.57 -27.36 -13.23
C LEU B 150 -12.78 -26.46 -13.05
N GLU B 151 -13.32 -26.52 -11.83
CA GLU B 151 -14.44 -25.70 -11.39
C GLU B 151 -13.93 -24.27 -11.15
N PRO B 152 -14.81 -23.24 -11.19
CA PRO B 152 -14.34 -21.88 -10.87
C PRO B 152 -13.80 -21.80 -9.44
N VAL B 153 -12.84 -20.89 -9.23
CA VAL B 153 -12.18 -20.63 -7.96
C VAL B 153 -13.10 -19.83 -7.03
N VAL B 154 -13.46 -20.41 -5.89
CA VAL B 154 -14.33 -19.72 -4.93
C VAL B 154 -13.68 -19.67 -3.53
N PRO B 155 -13.04 -18.52 -3.13
CA PRO B 155 -12.51 -18.45 -1.74
C PRO B 155 -13.64 -18.67 -0.73
N GLY B 156 -13.37 -19.47 0.30
CA GLY B 156 -14.36 -19.86 1.31
C GLY B 156 -15.04 -18.83 2.19
N GLY B 157 -14.44 -17.65 2.36
CA GLY B 157 -14.96 -16.60 3.23
C GLY B 157 -16.17 -15.81 2.74
N GLU B 158 -15.97 -14.49 2.59
CA GLU B 158 -16.99 -13.54 2.14
C GLU B 158 -17.46 -13.81 0.70
N GLU B 159 -16.53 -14.22 -0.20
CA GLU B 159 -16.80 -14.51 -1.62
C GLU B 159 -17.79 -15.67 -1.82
N ALA B 160 -17.64 -16.77 -1.07
CA ALA B 160 -18.55 -17.93 -1.14
C ALA B 160 -19.98 -17.59 -0.73
N LEU B 161 -20.14 -16.67 0.27
CA LEU B 161 -21.44 -16.17 0.72
C LEU B 161 -21.99 -15.17 -0.30
N TYR B 162 -21.09 -14.33 -0.87
CA TYR B 162 -21.42 -13.34 -1.90
C TYR B 162 -21.62 -13.96 -3.32
N ILE B 163 -21.75 -15.31 -3.42
CA ILE B 163 -21.98 -16.07 -4.66
C ILE B 163 -23.22 -16.98 -4.45
N ALA B 164 -23.33 -17.61 -3.27
CA ALA B 164 -24.45 -18.48 -2.92
C ALA B 164 -25.76 -17.71 -2.68
N ARG B 165 -25.68 -16.37 -2.49
CA ARG B 165 -26.83 -15.52 -2.23
C ARG B 165 -27.74 -15.32 -3.47
N THR B 166 -27.14 -15.06 -4.67
CA THR B 166 -27.85 -14.77 -5.91
C THR B 166 -28.32 -16.01 -6.65
N TRP B 167 -27.35 -16.70 -7.30
CA TRP B 167 -27.53 -17.87 -8.15
C TRP B 167 -27.53 -19.18 -7.35
N GLY B 168 -26.89 -19.15 -6.17
CA GLY B 168 -26.74 -20.31 -5.31
C GLY B 168 -25.78 -21.32 -5.92
N GLY B 169 -24.63 -20.81 -6.34
CA GLY B 169 -23.60 -21.60 -7.00
C GLY B 169 -22.66 -20.77 -7.86
N PRO B 170 -21.47 -21.34 -8.21
CA PRO B 170 -20.47 -20.55 -8.93
C PRO B 170 -20.27 -20.80 -10.44
N PHE B 171 -20.98 -21.75 -11.02
CA PHE B 171 -20.79 -22.18 -12.41
C PHE B 171 -21.37 -21.21 -13.42
N PHE B 172 -20.71 -21.09 -14.60
CA PHE B 172 -21.12 -20.19 -15.69
C PHE B 172 -22.59 -20.40 -16.09
N PHE B 173 -23.05 -21.68 -16.09
CA PHE B 173 -24.43 -22.05 -16.44
C PHE B 173 -25.48 -21.60 -15.41
N GLN B 174 -25.03 -21.13 -14.24
CA GLN B 174 -25.96 -20.65 -13.20
C GLN B 174 -26.22 -19.12 -13.31
N ALA B 175 -25.58 -18.42 -14.27
CA ALA B 175 -25.72 -16.98 -14.53
C ALA B 175 -27.11 -16.56 -14.98
N HIS B 176 -27.63 -15.46 -14.42
CA HIS B 176 -28.94 -14.90 -14.73
C HIS B 176 -28.98 -14.20 -16.11
N VAL B 177 -28.85 -15.00 -17.19
CA VAL B 177 -28.90 -14.58 -18.60
C VAL B 177 -29.67 -15.65 -19.38
N TRP B 178 -29.48 -16.95 -19.00
CA TRP B 178 -30.05 -18.12 -19.67
C TRP B 178 -31.59 -18.20 -19.56
N GLU B 179 -32.23 -17.29 -18.80
CA GLU B 179 -33.69 -17.16 -18.73
C GLU B 179 -34.13 -16.43 -20.01
N GLU B 180 -33.36 -15.38 -20.40
CA GLU B 180 -33.56 -14.54 -21.58
C GLU B 180 -33.18 -15.26 -22.89
N VAL B 181 -31.98 -15.87 -22.94
CA VAL B 181 -31.47 -16.55 -24.14
C VAL B 181 -31.13 -18.04 -23.88
N ALA B 182 -31.49 -18.90 -24.86
CA ALA B 182 -31.20 -20.32 -24.87
C ALA B 182 -29.77 -20.52 -25.38
N LEU B 183 -29.05 -21.44 -24.74
CA LEU B 183 -27.68 -21.79 -25.12
C LEU B 183 -27.74 -23.06 -25.97
N ARG B 184 -27.38 -22.96 -27.26
CA ARG B 184 -27.36 -24.14 -28.13
C ARG B 184 -26.07 -24.89 -27.87
N VAL B 185 -26.18 -26.21 -27.68
CA VAL B 185 -25.04 -27.07 -27.31
C VAL B 185 -24.60 -27.96 -28.46
N HIS B 186 -23.29 -27.93 -28.75
CA HIS B 186 -22.64 -28.75 -29.79
C HIS B 186 -21.58 -29.60 -29.09
N ARG B 187 -21.48 -30.89 -29.46
CA ARG B 187 -20.57 -31.82 -28.79
C ARG B 187 -19.44 -32.35 -29.64
N LEU B 188 -18.27 -32.53 -29.00
CA LEU B 188 -17.10 -33.17 -29.56
C LEU B 188 -16.87 -34.39 -28.65
N TRP B 189 -16.63 -35.57 -29.23
CA TRP B 189 -16.47 -36.83 -28.51
C TRP B 189 -15.12 -37.51 -28.71
N GLU B 190 -14.53 -37.36 -29.90
CA GLU B 190 -13.28 -37.98 -30.31
C GLU B 190 -12.05 -37.29 -29.77
N SER B 191 -11.20 -38.03 -29.08
CA SER B 191 -9.95 -37.51 -28.54
C SER B 191 -8.98 -37.28 -29.66
N GLN B 192 -8.50 -36.06 -29.76
CA GLN B 192 -7.51 -35.75 -30.79
C GLN B 192 -6.14 -35.75 -30.12
N ARG B 193 -6.05 -35.28 -28.85
CA ARG B 193 -4.80 -35.26 -28.09
C ARG B 193 -4.25 -36.67 -27.92
N GLN B 194 -5.12 -37.63 -27.58
CA GLN B 194 -4.73 -39.03 -27.33
C GLN B 194 -5.06 -39.99 -28.48
N ARG B 195 -5.20 -39.46 -29.71
CA ARG B 195 -5.52 -40.19 -30.93
C ARG B 195 -4.57 -41.35 -31.27
N GLU B 196 -3.28 -41.18 -30.97
CA GLU B 196 -2.28 -42.21 -31.23
C GLU B 196 -2.22 -43.27 -30.11
N ASP B 197 -2.91 -43.05 -28.96
CA ASP B 197 -2.94 -43.99 -27.83
C ASP B 197 -4.41 -44.25 -27.44
N PRO B 198 -5.16 -45.02 -28.28
CA PRO B 198 -6.61 -45.23 -28.02
C PRO B 198 -6.97 -45.88 -26.69
N LEU B 199 -6.09 -46.74 -26.12
CA LEU B 199 -6.37 -47.33 -24.81
C LEU B 199 -6.18 -46.30 -23.71
N PHE B 200 -5.27 -45.36 -23.91
CA PHE B 200 -5.09 -44.27 -22.95
C PHE B 200 -6.28 -43.31 -23.04
N ALA B 201 -6.79 -43.02 -24.27
CA ALA B 201 -8.00 -42.21 -24.46
C ALA B 201 -9.20 -42.89 -23.74
N GLU B 202 -9.34 -44.22 -23.85
CA GLU B 202 -10.41 -44.97 -23.16
C GLU B 202 -10.24 -44.97 -21.64
N LEU B 203 -8.99 -45.09 -21.14
CA LEU B 203 -8.75 -45.02 -19.69
C LEU B 203 -9.21 -43.62 -19.15
N LEU B 204 -8.85 -42.54 -19.85
CA LEU B 204 -9.23 -41.18 -19.47
C LEU B 204 -10.77 -41.02 -19.45
N LYS B 205 -11.44 -41.61 -20.46
CA LYS B 205 -12.90 -41.66 -20.55
C LYS B 205 -13.49 -42.37 -19.32
N ARG B 206 -12.94 -43.54 -18.92
CA ARG B 206 -13.44 -44.26 -17.75
C ARG B 206 -13.19 -43.48 -16.45
N LEU B 207 -12.05 -42.77 -16.36
CA LEU B 207 -11.69 -41.96 -15.20
C LEU B 207 -12.66 -40.76 -15.12
N ARG B 208 -12.98 -40.14 -16.28
CA ARG B 208 -13.96 -39.05 -16.37
C ARG B 208 -15.30 -39.52 -15.76
N GLN B 209 -15.71 -40.76 -16.07
CA GLN B 209 -16.93 -41.40 -15.55
C GLN B 209 -16.77 -41.93 -14.11
N GLY B 210 -15.65 -41.65 -13.46
CA GLY B 210 -15.35 -42.07 -12.09
C GLY B 210 -15.21 -43.57 -11.85
N ASP B 211 -14.80 -44.35 -12.88
CA ASP B 211 -14.61 -45.81 -12.77
C ASP B 211 -13.47 -46.17 -11.77
N PRO B 212 -13.78 -46.89 -10.66
CA PRO B 212 -12.73 -47.21 -9.67
C PRO B 212 -11.66 -48.19 -10.19
N GLN B 213 -12.02 -49.10 -11.13
CA GLN B 213 -11.10 -50.02 -11.78
C GLN B 213 -10.08 -49.27 -12.66
N ALA B 214 -10.51 -48.20 -13.37
CA ALA B 214 -9.61 -47.38 -14.19
C ALA B 214 -8.60 -46.63 -13.31
N LEU B 215 -9.03 -46.20 -12.08
CA LEU B 215 -8.14 -45.53 -11.13
C LEU B 215 -7.05 -46.47 -10.61
N GLU B 216 -7.41 -47.74 -10.30
CA GLU B 216 -6.45 -48.74 -9.83
C GLU B 216 -5.45 -49.04 -10.97
N THR B 217 -5.94 -49.15 -12.21
CA THR B 217 -5.12 -49.40 -13.41
C THR B 217 -4.14 -48.23 -13.60
N LEU B 218 -4.64 -46.99 -13.48
CA LEU B 218 -3.83 -45.79 -13.59
C LEU B 218 -2.71 -45.82 -12.54
N ASN B 219 -3.05 -46.09 -11.26
CA ASN B 219 -2.10 -46.19 -10.16
C ASN B 219 -0.97 -47.20 -10.42
N ARG B 220 -1.32 -48.44 -10.81
CA ARG B 220 -0.33 -49.49 -11.10
C ARG B 220 0.60 -49.08 -12.26
N ALA B 221 0.06 -48.47 -13.32
CA ALA B 221 0.85 -48.09 -14.48
C ALA B 221 1.67 -46.80 -14.33
N ALA B 222 1.07 -45.72 -13.77
CA ALA B 222 1.63 -44.37 -13.76
C ALA B 222 2.38 -43.91 -12.49
N VAL B 223 2.22 -44.59 -11.34
CA VAL B 223 2.95 -44.15 -10.13
C VAL B 223 4.46 -44.36 -10.32
N ARG B 224 5.21 -43.25 -10.34
CA ARG B 224 6.65 -43.23 -10.53
C ARG B 224 7.19 -42.02 -9.78
N PRO B 225 7.52 -42.16 -8.46
CA PRO B 225 8.00 -41.00 -7.69
C PRO B 225 9.17 -40.20 -8.30
N ASP B 226 10.07 -40.83 -9.10
CA ASP B 226 11.20 -40.15 -9.74
C ASP B 226 10.85 -39.48 -11.11
N GLY B 227 9.58 -39.55 -11.52
CA GLY B 227 9.08 -39.00 -12.77
C GLY B 227 9.32 -37.51 -13.00
N GLY B 228 9.34 -36.73 -11.93
CA GLY B 228 9.57 -35.28 -12.01
C GLY B 228 10.99 -34.88 -12.36
N GLU B 229 11.97 -35.72 -11.97
CA GLU B 229 13.42 -35.57 -12.14
C GLU B 229 13.87 -35.61 -13.61
N GLU B 230 13.13 -36.34 -14.46
CA GLU B 230 13.48 -36.54 -15.87
C GLU B 230 13.43 -35.25 -16.73
N PRO B 231 14.32 -35.13 -17.77
CA PRO B 231 14.29 -33.91 -18.61
C PRO B 231 13.03 -33.77 -19.48
N GLY B 232 12.65 -32.51 -19.70
CA GLY B 232 11.48 -32.15 -20.50
C GLY B 232 10.15 -32.41 -19.84
N THR B 233 10.12 -32.56 -18.50
CA THR B 233 8.90 -32.82 -17.75
C THR B 233 8.41 -31.55 -17.08
N LEU B 234 7.11 -31.29 -17.16
CA LEU B 234 6.48 -30.20 -16.43
C LEU B 234 5.84 -30.85 -15.22
N ILE B 235 6.11 -30.30 -14.03
CA ILE B 235 5.50 -30.80 -12.80
C ILE B 235 4.25 -29.99 -12.50
N LEU B 236 3.17 -30.67 -12.15
CA LEU B 236 1.92 -30.04 -11.73
C LEU B 236 1.67 -30.32 -10.28
N THR B 237 1.19 -29.30 -9.56
CA THR B 237 0.88 -29.39 -8.13
C THR B 237 -0.50 -28.82 -7.88
N PRO B 238 -1.25 -29.27 -6.84
CA PRO B 238 -2.54 -28.62 -6.55
C PRO B 238 -2.35 -27.19 -6.01
N ARG B 239 -1.29 -26.95 -5.23
CA ARG B 239 -1.01 -25.66 -4.56
C ARG B 239 0.23 -24.91 -5.01
N ARG B 240 0.19 -23.57 -4.84
CA ARG B 240 1.30 -22.66 -5.15
C ARG B 240 2.50 -22.95 -4.26
N LYS B 241 2.27 -23.05 -2.91
CA LYS B 241 3.35 -23.35 -1.96
C LYS B 241 4.07 -24.64 -2.29
N GLU B 242 3.35 -25.64 -2.86
CA GLU B 242 3.93 -26.93 -3.28
C GLU B 242 4.80 -26.71 -4.53
N ALA B 243 4.28 -25.93 -5.52
CA ALA B 243 5.01 -25.60 -6.75
C ALA B 243 6.30 -24.87 -6.39
N ASP B 244 6.20 -23.83 -5.51
CA ASP B 244 7.29 -23.00 -5.00
C ASP B 244 8.37 -23.85 -4.37
N ALA B 245 7.98 -24.76 -3.43
CA ALA B 245 8.89 -25.66 -2.74
C ALA B 245 9.70 -26.46 -3.75
N LEU B 246 9.01 -27.03 -4.76
CA LEU B 246 9.64 -27.83 -5.81
C LEU B 246 10.59 -26.94 -6.62
N ASN B 247 10.10 -25.78 -7.10
CA ASN B 247 10.88 -24.77 -7.85
C ASN B 247 12.14 -24.36 -7.06
N LEU B 248 12.00 -24.02 -5.76
CA LEU B 248 13.12 -23.66 -4.86
C LEU B 248 14.19 -24.76 -4.83
N LYS B 249 13.75 -26.03 -4.65
CA LYS B 249 14.57 -27.25 -4.53
C LYS B 249 15.53 -27.50 -5.71
N ARG B 250 15.04 -27.38 -6.94
CA ARG B 250 15.84 -27.64 -8.15
C ARG B 250 16.56 -26.42 -8.72
N LEU B 251 16.26 -25.20 -8.21
CA LEU B 251 16.94 -23.97 -8.63
C LEU B 251 18.38 -24.00 -8.11
N GLU B 252 18.55 -24.58 -6.89
CA GLU B 252 19.84 -24.76 -6.24
C GLU B 252 20.70 -25.79 -7.01
N ALA B 253 20.03 -26.82 -7.60
CA ALA B 253 20.67 -27.90 -8.35
C ALA B 253 21.39 -27.48 -9.63
N LEU B 254 20.97 -26.36 -10.28
CA LEU B 254 21.63 -25.89 -11.50
C LEU B 254 23.06 -25.43 -11.22
N PRO B 255 24.06 -25.81 -12.06
CA PRO B 255 25.45 -25.42 -11.78
C PRO B 255 25.82 -23.96 -12.04
N GLY B 256 25.00 -23.26 -12.83
CA GLY B 256 25.22 -21.87 -13.22
C GLY B 256 25.28 -20.86 -12.07
N LYS B 257 25.99 -19.77 -12.31
CA LYS B 257 26.12 -18.67 -11.35
C LYS B 257 24.72 -18.01 -11.13
N PRO B 258 24.28 -17.81 -9.86
CA PRO B 258 22.97 -17.17 -9.64
C PRO B 258 23.01 -15.65 -9.83
N LEU B 259 21.87 -15.07 -10.18
CA LEU B 259 21.68 -13.63 -10.32
C LEU B 259 20.35 -13.32 -9.64
N GLU B 260 20.39 -12.43 -8.65
CA GLU B 260 19.22 -12.01 -7.88
C GLU B 260 18.63 -10.74 -8.47
N TYR B 261 17.31 -10.71 -8.62
CA TYR B 261 16.56 -9.60 -9.17
C TYR B 261 15.72 -8.99 -8.10
N GLN B 262 16.20 -7.84 -7.58
CA GLN B 262 15.54 -7.10 -6.53
C GLN B 262 14.53 -6.16 -7.16
N ALA B 263 13.25 -6.38 -6.85
CA ALA B 263 12.17 -5.53 -7.32
C ALA B 263 12.28 -4.14 -6.69
N GLN B 264 12.02 -3.11 -7.49
CA GLN B 264 12.03 -1.72 -7.03
C GLN B 264 10.60 -1.37 -6.65
N VAL B 265 10.37 -1.19 -5.35
CA VAL B 265 9.05 -0.88 -4.80
C VAL B 265 9.06 0.58 -4.36
N LYS B 266 8.16 1.38 -4.94
CA LYS B 266 8.02 2.80 -4.61
C LYS B 266 6.59 3.08 -4.14
N GLY B 267 6.44 3.92 -3.13
CA GLY B 267 5.14 4.27 -2.57
C GLY B 267 4.45 3.12 -1.87
N GLU B 268 3.11 3.07 -2.00
CA GLU B 268 2.23 2.06 -1.40
C GLU B 268 2.05 0.89 -2.35
N PHE B 269 2.54 -0.29 -1.94
CA PHE B 269 2.47 -1.53 -2.71
C PHE B 269 2.73 -2.68 -1.77
N ALA B 270 1.65 -3.19 -1.16
CA ALA B 270 1.71 -4.28 -0.19
C ALA B 270 2.14 -5.58 -0.83
N GLU B 271 2.80 -6.47 -0.04
CA GLU B 271 3.25 -7.77 -0.50
C GLU B 271 2.07 -8.69 -0.93
N THR B 272 0.85 -8.38 -0.43
CA THR B 272 -0.40 -9.07 -0.73
C THR B 272 -0.79 -8.82 -2.20
N ASP B 273 -0.48 -7.62 -2.72
CA ASP B 273 -0.76 -7.22 -4.10
C ASP B 273 0.44 -7.43 -5.06
N PHE B 274 1.50 -8.17 -4.61
CA PHE B 274 2.71 -8.43 -5.42
C PHE B 274 2.41 -9.40 -6.54
N PRO B 275 2.70 -9.05 -7.82
CA PRO B 275 2.40 -10.02 -8.89
C PRO B 275 3.41 -11.16 -9.02
N THR B 276 4.61 -10.96 -8.43
CA THR B 276 5.74 -11.89 -8.41
C THR B 276 6.61 -11.60 -7.16
N GLU B 277 7.63 -12.43 -6.89
CA GLU B 277 8.48 -12.24 -5.73
C GLU B 277 9.44 -11.06 -5.88
N ALA B 278 9.65 -10.32 -4.78
CA ALA B 278 10.51 -9.15 -4.72
C ALA B 278 11.99 -9.48 -4.90
N ALA B 279 12.43 -10.65 -4.41
CA ALA B 279 13.83 -11.08 -4.54
C ALA B 279 13.86 -12.39 -5.30
N LEU B 280 13.83 -12.30 -6.64
CA LEU B 280 13.81 -13.42 -7.56
C LEU B 280 15.22 -13.82 -7.99
N THR B 281 15.60 -15.08 -7.72
CA THR B 281 16.91 -15.60 -8.11
C THR B 281 16.76 -16.46 -9.38
N LEU B 282 17.60 -16.18 -10.38
CA LEU B 282 17.60 -16.94 -11.62
C LEU B 282 19.00 -17.44 -11.95
N LYS B 283 19.09 -18.49 -12.77
CA LYS B 283 20.35 -19.09 -13.22
C LYS B 283 20.18 -19.47 -14.69
N LYS B 284 21.31 -19.73 -15.40
CA LYS B 284 21.29 -20.20 -16.79
C LYS B 284 20.65 -21.60 -16.75
N GLY B 285 19.65 -21.82 -17.60
CA GLY B 285 18.94 -23.09 -17.66
C GLY B 285 17.66 -23.19 -16.89
N ALA B 286 17.30 -22.14 -16.10
CA ALA B 286 16.08 -22.11 -15.30
C ALA B 286 14.83 -22.13 -16.18
N GLN B 287 13.85 -22.98 -15.82
CA GLN B 287 12.58 -23.09 -16.54
C GLN B 287 11.68 -22.00 -15.98
N VAL B 288 11.19 -21.10 -16.85
CA VAL B 288 10.37 -19.96 -16.42
C VAL B 288 9.04 -19.84 -17.19
N ILE B 289 8.11 -19.07 -16.61
CA ILE B 289 6.84 -18.69 -17.21
C ILE B 289 6.83 -17.14 -17.21
N LEU B 290 6.44 -16.53 -18.35
CA LEU B 290 6.35 -15.09 -18.52
C LEU B 290 5.01 -14.61 -17.98
N LEU B 291 5.00 -13.47 -17.29
CA LEU B 291 3.80 -12.96 -16.61
C LEU B 291 3.10 -11.79 -17.28
N ARG B 292 3.70 -11.23 -18.33
CA ARG B 292 3.14 -10.07 -19.05
C ARG B 292 3.32 -10.22 -20.54
N ASN B 293 2.37 -9.64 -21.29
CA ASN B 293 2.42 -9.58 -22.74
C ASN B 293 3.45 -8.53 -23.10
N ASP B 294 4.29 -8.83 -24.09
CA ASP B 294 5.30 -7.88 -24.54
C ASP B 294 4.64 -6.65 -25.18
N PRO B 295 4.93 -5.40 -24.74
CA PRO B 295 4.36 -4.23 -25.45
C PRO B 295 4.72 -4.22 -26.95
N LEU B 296 5.82 -4.93 -27.33
CA LEU B 296 6.27 -5.07 -28.73
C LEU B 296 5.69 -6.31 -29.44
N GLY B 297 4.93 -7.13 -28.71
CA GLY B 297 4.24 -8.33 -29.22
C GLY B 297 5.05 -9.57 -29.56
N GLU B 298 6.25 -9.74 -28.96
CA GLU B 298 7.13 -10.89 -29.21
C GLU B 298 6.99 -12.05 -28.21
N TYR B 299 6.40 -11.77 -27.05
CA TYR B 299 6.15 -12.78 -26.03
C TYR B 299 4.86 -12.45 -25.30
N PHE B 300 4.30 -13.46 -24.60
CA PHE B 300 3.02 -13.31 -23.97
C PHE B 300 2.97 -13.83 -22.57
N ASN B 301 2.00 -13.30 -21.81
CA ASN B 301 1.70 -13.78 -20.47
C ASN B 301 1.28 -15.27 -20.65
N GLY B 302 1.97 -16.18 -19.97
CA GLY B 302 1.73 -17.61 -20.08
C GLY B 302 2.83 -18.35 -20.82
N ASP B 303 3.69 -17.63 -21.59
CA ASP B 303 4.79 -18.26 -22.33
C ASP B 303 5.77 -18.96 -21.40
N LEU B 304 6.04 -20.24 -21.65
CA LEU B 304 7.03 -21.04 -20.93
C LEU B 304 8.35 -20.94 -21.67
N GLY B 305 9.46 -21.09 -20.96
CA GLY B 305 10.78 -21.00 -21.55
C GLY B 305 11.96 -21.29 -20.66
N TRP B 306 13.18 -21.06 -21.18
CA TRP B 306 14.44 -21.31 -20.47
C TRP B 306 15.40 -20.15 -20.58
N VAL B 307 15.99 -19.77 -19.44
CA VAL B 307 16.96 -18.67 -19.36
C VAL B 307 18.28 -19.11 -19.99
N GLU B 308 18.90 -18.25 -20.83
CA GLU B 308 20.18 -18.50 -21.49
C GLU B 308 21.24 -17.51 -21.01
N ASP B 309 20.93 -16.20 -21.02
CA ASP B 309 21.84 -15.15 -20.61
C ASP B 309 21.19 -14.22 -19.61
N LEU B 310 21.95 -13.77 -18.61
CA LEU B 310 21.43 -12.91 -17.54
C LEU B 310 22.24 -11.65 -17.31
N GLU B 311 21.55 -10.59 -16.87
CA GLU B 311 22.13 -9.35 -16.38
C GLU B 311 21.09 -8.59 -15.54
N ALA B 312 21.53 -7.62 -14.72
CA ALA B 312 20.69 -6.84 -13.81
C ALA B 312 19.39 -6.27 -14.40
N GLU B 313 19.48 -5.72 -15.63
CA GLU B 313 18.34 -5.08 -16.30
C GLU B 313 17.79 -5.85 -17.52
N ALA B 314 18.25 -7.10 -17.76
CA ALA B 314 17.77 -7.91 -18.89
C ALA B 314 18.09 -9.39 -18.81
N LEU B 315 17.25 -10.22 -19.40
CA LEU B 315 17.50 -11.66 -19.54
C LEU B 315 17.01 -12.17 -20.88
N ALA B 316 17.69 -13.20 -21.41
CA ALA B 316 17.36 -13.84 -22.69
C ALA B 316 16.69 -15.17 -22.38
N VAL B 317 15.44 -15.33 -22.84
CA VAL B 317 14.62 -16.52 -22.63
C VAL B 317 14.32 -17.25 -23.95
N ARG B 318 14.53 -18.58 -23.95
CA ARG B 318 14.28 -19.51 -25.05
C ARG B 318 12.81 -19.91 -24.97
N LEU B 319 11.97 -19.43 -25.90
CA LEU B 319 10.55 -19.79 -25.83
C LEU B 319 10.25 -21.19 -26.33
N LYS B 320 9.42 -21.91 -25.57
CA LYS B 320 8.93 -23.24 -25.89
C LYS B 320 7.97 -23.15 -27.12
N ARG B 321 7.11 -22.11 -27.15
CA ARG B 321 6.12 -21.89 -28.21
C ARG B 321 6.70 -21.81 -29.63
N ASN B 322 7.83 -21.11 -29.84
CA ASN B 322 8.36 -20.90 -31.19
C ASN B 322 9.89 -21.11 -31.36
N GLY B 323 10.57 -21.54 -30.31
CA GLY B 323 12.02 -21.76 -30.32
C GLY B 323 12.87 -20.52 -30.49
N ARG B 324 12.30 -19.34 -30.22
CA ARG B 324 13.03 -18.07 -30.37
C ARG B 324 13.51 -17.53 -29.03
N ARG B 325 14.60 -16.73 -29.07
CA ARG B 325 15.22 -16.04 -27.94
C ARG B 325 14.64 -14.63 -27.82
N VAL B 326 13.91 -14.33 -26.71
CA VAL B 326 13.33 -13.02 -26.45
C VAL B 326 14.13 -12.38 -25.34
N VAL B 327 14.21 -11.04 -25.36
CA VAL B 327 14.91 -10.27 -24.34
C VAL B 327 13.85 -9.67 -23.43
N ILE B 328 13.92 -10.00 -22.13
CA ILE B 328 12.99 -9.58 -21.08
C ILE B 328 13.63 -8.51 -20.25
N ARG B 329 12.95 -7.37 -20.13
CA ARG B 329 13.42 -6.26 -19.33
C ARG B 329 12.43 -6.06 -18.16
N PRO B 330 12.81 -5.39 -17.04
CA PRO B 330 11.84 -5.23 -15.94
C PRO B 330 10.56 -4.50 -16.34
N PHE B 331 9.44 -4.92 -15.76
CA PHE B 331 8.11 -4.32 -15.99
C PHE B 331 7.66 -3.52 -14.75
N VAL B 332 6.96 -2.39 -14.98
CA VAL B 332 6.46 -1.52 -13.91
C VAL B 332 4.95 -1.74 -13.69
N TRP B 333 4.61 -2.39 -12.58
CA TRP B 333 3.23 -2.60 -12.14
C TRP B 333 2.81 -1.39 -11.27
N GLU B 334 1.58 -0.89 -11.46
CA GLU B 334 1.04 0.25 -10.69
C GLU B 334 -0.07 -0.15 -9.71
N LYS B 335 -0.06 0.48 -8.52
CA LYS B 335 -1.10 0.26 -7.49
C LYS B 335 -2.02 1.47 -7.60
N ILE B 336 -3.34 1.22 -7.80
CA ILE B 336 -4.32 2.29 -8.01
C ILE B 336 -5.48 2.21 -6.99
N VAL B 337 -5.87 3.38 -6.43
CA VAL B 337 -6.95 3.53 -5.44
C VAL B 337 -7.92 4.61 -5.92
N PRO B 349 -9.21 7.92 -10.18
CA PRO B 349 -8.05 7.05 -10.02
C PRO B 349 -6.79 7.81 -9.60
N GLN B 350 -5.89 7.13 -8.86
CA GLN B 350 -4.65 7.71 -8.35
C GLN B 350 -3.59 6.62 -8.16
N VAL B 351 -2.39 6.84 -8.77
CA VAL B 351 -1.25 5.94 -8.62
C VAL B 351 -0.63 6.21 -7.21
N VAL B 352 -0.78 5.24 -6.30
CA VAL B 352 -0.27 5.34 -4.93
C VAL B 352 1.09 4.63 -4.79
N GLY B 353 1.42 3.75 -5.75
CA GLY B 353 2.68 3.02 -5.72
C GLY B 353 3.04 2.25 -6.99
N THR B 354 4.32 1.83 -7.07
CA THR B 354 4.87 1.06 -8.19
C THR B 354 5.69 -0.13 -7.71
N PHE B 355 5.74 -1.18 -8.53
CA PHE B 355 6.50 -2.40 -8.30
C PHE B 355 7.12 -2.77 -9.64
N ARG B 356 8.43 -2.53 -9.77
CA ARG B 356 9.21 -2.81 -10.97
C ARG B 356 10.01 -4.10 -10.79
N GLN B 357 9.77 -5.10 -11.64
CA GLN B 357 10.44 -6.39 -11.56
C GLN B 357 10.40 -7.07 -12.92
N VAL B 358 11.38 -7.96 -13.19
CA VAL B 358 11.36 -8.76 -14.42
C VAL B 358 10.09 -9.68 -14.35
N PRO B 359 9.22 -9.63 -15.39
CA PRO B 359 7.96 -10.40 -15.34
C PRO B 359 8.10 -11.89 -15.61
N VAL B 360 8.83 -12.56 -14.73
CA VAL B 360 9.14 -13.97 -14.82
C VAL B 360 8.96 -14.67 -13.47
N ARG B 361 8.55 -15.94 -13.52
CA ARG B 361 8.30 -16.81 -12.37
C ARG B 361 8.90 -18.16 -12.74
N LEU B 362 9.50 -18.91 -11.78
CA LEU B 362 10.04 -20.26 -12.03
C LEU B 362 8.89 -21.21 -12.39
N ALA B 363 9.14 -22.11 -13.33
CA ALA B 363 8.08 -22.93 -13.88
C ALA B 363 8.44 -24.39 -14.18
N TRP B 364 9.38 -24.99 -13.41
CA TRP B 364 9.62 -26.43 -13.56
C TRP B 364 8.35 -27.10 -12.96
N ALA B 365 7.68 -26.39 -11.99
CA ALA B 365 6.41 -26.79 -11.37
C ALA B 365 5.40 -25.65 -11.44
N LEU B 366 4.15 -25.99 -11.81
CA LEU B 366 3.04 -25.04 -11.92
C LEU B 366 1.82 -25.65 -11.31
N THR B 367 0.84 -24.82 -10.95
CA THR B 367 -0.42 -25.34 -10.44
C THR B 367 -1.14 -26.06 -11.57
N VAL B 368 -2.08 -26.97 -11.22
CA VAL B 368 -2.91 -27.66 -12.22
C VAL B 368 -3.78 -26.59 -12.95
N HIS B 369 -4.22 -25.53 -12.24
CA HIS B 369 -4.98 -24.42 -12.82
C HIS B 369 -4.24 -23.76 -14.00
N LYS B 370 -2.89 -23.59 -13.90
CA LYS B 370 -2.06 -22.98 -14.95
C LYS B 370 -1.81 -23.92 -16.15
N ALA B 371 -2.14 -25.22 -16.03
CA ALA B 371 -1.93 -26.16 -17.13
C ALA B 371 -3.20 -26.41 -17.94
N GLN B 372 -4.39 -26.06 -17.41
CA GLN B 372 -5.64 -26.34 -18.12
C GLN B 372 -5.70 -25.66 -19.48
N GLY B 373 -5.84 -26.49 -20.53
CA GLY B 373 -5.87 -26.03 -21.92
C GLY B 373 -4.63 -26.39 -22.70
N LEU B 374 -3.55 -26.77 -21.99
CA LEU B 374 -2.27 -27.11 -22.63
C LEU B 374 -2.18 -28.57 -23.07
N THR B 375 -1.39 -28.79 -24.13
CA THR B 375 -0.97 -30.11 -24.58
C THR B 375 0.50 -30.13 -24.20
N LEU B 376 0.89 -31.06 -23.33
CA LEU B 376 2.26 -31.16 -22.84
C LEU B 376 2.93 -32.44 -23.29
N ASP B 377 4.25 -32.37 -23.55
CA ASP B 377 5.01 -33.56 -23.97
C ASP B 377 5.13 -34.57 -22.84
N LYS B 378 5.31 -34.10 -21.60
CA LYS B 378 5.53 -34.99 -20.45
C LYS B 378 5.07 -34.31 -19.18
N VAL B 379 4.29 -35.01 -18.36
CA VAL B 379 3.75 -34.45 -17.10
C VAL B 379 4.01 -35.37 -15.93
N HIS B 380 4.33 -34.78 -14.79
CA HIS B 380 4.47 -35.47 -13.51
C HIS B 380 3.58 -34.75 -12.50
N LEU B 381 2.60 -35.45 -11.95
CA LEU B 381 1.71 -34.84 -10.95
C LEU B 381 2.25 -35.11 -9.55
N GLU B 382 2.54 -34.03 -8.81
CA GLU B 382 2.96 -34.08 -7.40
C GLU B 382 1.70 -33.86 -6.60
N LEU B 383 1.25 -34.89 -5.85
CA LEU B 383 0.01 -34.80 -5.10
C LEU B 383 0.04 -33.82 -3.92
N GLY B 384 1.19 -33.69 -3.27
CA GLY B 384 1.38 -32.84 -2.10
C GLY B 384 0.39 -33.17 -0.99
N ARG B 385 -0.32 -32.13 -0.51
CA ARG B 385 -1.34 -32.21 0.53
C ARG B 385 -2.67 -32.79 -0.01
N GLY B 386 -2.74 -33.01 -1.32
CA GLY B 386 -3.91 -33.61 -1.94
C GLY B 386 -4.72 -32.73 -2.86
N LEU B 387 -5.71 -33.35 -3.49
CA LEU B 387 -6.63 -32.71 -4.44
C LEU B 387 -7.75 -32.05 -3.68
N PHE B 388 -8.14 -30.85 -4.09
CA PHE B 388 -9.18 -30.09 -3.40
C PHE B 388 -10.25 -29.54 -4.34
N ALA B 389 -9.98 -29.55 -5.67
CA ALA B 389 -10.90 -28.98 -6.63
C ALA B 389 -11.48 -30.03 -7.57
N HIS B 390 -12.79 -29.91 -7.87
CA HIS B 390 -13.49 -30.76 -8.82
C HIS B 390 -12.82 -30.52 -10.19
N GLY B 391 -12.51 -31.62 -10.91
CA GLY B 391 -11.86 -31.58 -12.22
C GLY B 391 -10.34 -31.47 -12.21
N GLN B 392 -9.72 -31.21 -11.04
CA GLN B 392 -8.28 -31.03 -10.86
C GLN B 392 -7.44 -32.25 -11.32
N LEU B 393 -7.80 -33.45 -10.86
CA LEU B 393 -7.06 -34.66 -11.25
C LEU B 393 -7.21 -34.93 -12.75
N TYR B 394 -8.45 -34.90 -13.23
CA TYR B 394 -8.78 -35.11 -14.63
C TYR B 394 -7.97 -34.18 -15.56
N VAL B 395 -7.84 -32.87 -15.22
CA VAL B 395 -7.02 -31.92 -15.97
C VAL B 395 -5.55 -32.40 -15.99
N ALA B 396 -4.99 -32.78 -14.82
CA ALA B 396 -3.59 -33.21 -14.74
C ALA B 396 -3.28 -34.42 -15.65
N LEU B 397 -4.18 -35.41 -15.66
CA LEU B 397 -4.01 -36.67 -16.41
C LEU B 397 -4.11 -36.48 -17.94
N THR B 398 -4.99 -35.57 -18.37
CA THR B 398 -5.37 -35.35 -19.78
C THR B 398 -4.49 -34.38 -20.57
N ARG B 399 -3.39 -33.88 -19.98
CA ARG B 399 -2.49 -32.92 -20.66
C ARG B 399 -1.61 -33.55 -21.71
N VAL B 400 -1.36 -34.86 -21.59
CA VAL B 400 -0.44 -35.62 -22.45
C VAL B 400 -1.15 -36.52 -23.49
N ARG B 401 -0.39 -36.91 -24.52
CA ARG B 401 -0.87 -37.72 -25.64
C ARG B 401 -0.88 -39.20 -25.37
N ARG B 402 0.08 -39.68 -24.57
CA ARG B 402 0.27 -41.10 -24.30
C ARG B 402 0.41 -41.35 -22.82
N LEU B 403 0.03 -42.55 -22.36
CA LEU B 403 0.17 -42.96 -20.97
C LEU B 403 1.61 -42.84 -20.45
N GLN B 404 2.61 -43.23 -21.28
CA GLN B 404 4.03 -43.18 -20.93
C GLN B 404 4.55 -41.77 -20.64
N ASP B 405 3.84 -40.72 -21.10
CA ASP B 405 4.18 -39.31 -20.88
C ASP B 405 3.67 -38.81 -19.52
N LEU B 406 2.91 -39.64 -18.80
CA LEU B 406 2.32 -39.28 -17.52
C LEU B 406 2.92 -40.07 -16.36
N SER B 407 3.20 -39.38 -15.23
CA SER B 407 3.63 -40.02 -13.99
C SER B 407 3.02 -39.33 -12.79
N LEU B 408 2.76 -40.11 -11.74
CA LEU B 408 2.17 -39.67 -10.48
C LEU B 408 3.18 -39.87 -9.37
N SER B 409 3.17 -38.99 -8.35
CA SER B 409 4.09 -39.12 -7.24
C SER B 409 3.68 -40.26 -6.30
N ARG B 410 2.37 -40.55 -6.21
CA ARG B 410 1.84 -41.58 -5.32
C ARG B 410 0.50 -42.13 -5.82
N PRO B 411 0.05 -43.32 -5.35
CA PRO B 411 -1.29 -43.81 -5.78
C PRO B 411 -2.40 -42.92 -5.21
N ILE B 412 -3.51 -42.81 -5.94
CA ILE B 412 -4.65 -42.01 -5.56
C ILE B 412 -5.79 -42.90 -5.08
N ALA B 413 -6.44 -42.55 -3.96
CA ALA B 413 -7.57 -43.35 -3.44
C ALA B 413 -8.90 -42.89 -4.07
N PRO B 414 -9.93 -43.78 -4.25
CA PRO B 414 -11.21 -43.33 -4.83
C PRO B 414 -11.93 -42.25 -4.01
N THR B 415 -11.67 -42.22 -2.69
CA THR B 415 -12.20 -41.24 -1.75
C THR B 415 -11.70 -39.81 -2.00
N GLU B 416 -10.62 -39.65 -2.81
CA GLU B 416 -10.05 -38.34 -3.15
C GLU B 416 -10.83 -37.63 -4.27
N LEU B 417 -11.62 -38.36 -5.08
CA LEU B 417 -12.40 -37.82 -6.21
C LEU B 417 -13.56 -36.96 -5.75
N LEU B 418 -13.74 -35.81 -6.43
CA LEU B 418 -14.75 -34.78 -6.13
C LEU B 418 -15.82 -34.67 -7.22
N TRP B 419 -17.09 -34.90 -6.85
CA TRP B 419 -18.23 -34.77 -7.75
C TRP B 419 -18.99 -33.49 -7.38
N ARG B 420 -19.67 -32.87 -8.35
CA ARG B 420 -20.48 -31.68 -8.13
C ARG B 420 -21.90 -31.95 -8.65
N PRO B 421 -22.92 -31.95 -7.76
CA PRO B 421 -24.30 -32.22 -8.22
C PRO B 421 -24.82 -31.25 -9.28
N GLU B 422 -24.49 -29.94 -9.16
CA GLU B 422 -24.89 -28.88 -10.10
C GLU B 422 -24.33 -29.15 -11.52
N VAL B 423 -23.10 -29.71 -11.59
CA VAL B 423 -22.48 -30.08 -12.86
C VAL B 423 -23.24 -31.25 -13.48
N GLU B 424 -23.60 -32.24 -12.63
CA GLU B 424 -24.34 -33.46 -12.97
C GLU B 424 -25.74 -33.16 -13.51
N VAL B 425 -26.40 -32.12 -12.98
CA VAL B 425 -27.70 -31.67 -13.45
C VAL B 425 -27.56 -30.97 -14.81
N PHE B 426 -26.55 -30.08 -14.95
CA PHE B 426 -26.27 -29.38 -16.19
C PHE B 426 -25.96 -30.38 -17.31
N GLU B 427 -25.11 -31.40 -17.02
CA GLU B 427 -24.69 -32.46 -17.95
C GLU B 427 -25.83 -33.36 -18.45
N THR B 428 -26.88 -33.56 -17.63
CA THR B 428 -28.05 -34.38 -17.99
C THR B 428 -29.02 -33.64 -18.92
N ARG B 429 -28.96 -32.29 -18.93
CA ARG B 429 -29.80 -31.43 -19.77
C ARG B 429 -29.18 -31.23 -21.16
N ILE B 430 -27.85 -31.39 -21.26
CA ILE B 430 -27.02 -31.24 -22.46
C ILE B 430 -27.36 -32.27 -23.56
N GLN B 431 -27.75 -33.51 -23.15
CA GLN B 431 -28.09 -34.63 -24.05
C GLN B 431 -29.13 -34.26 -25.13
N GLU B 432 -30.00 -33.28 -24.85
CA GLU B 432 -31.00 -32.80 -25.79
C GLU B 432 -30.42 -31.76 -26.78
N GLY B 433 -29.42 -30.98 -26.33
CA GLY B 433 -28.73 -30.00 -27.15
C GLY B 433 -29.05 -28.55 -26.86
N ILE B 434 -29.67 -28.26 -25.70
CA ILE B 434 -30.03 -26.89 -25.28
C ILE B 434 -29.98 -26.72 -23.75
N TRP B 435 -29.53 -25.53 -23.32
CA TRP B 435 -29.52 -25.12 -21.92
C TRP B 435 -30.37 -23.87 -21.79
N GLN B 436 -31.44 -24.00 -21.02
CA GLN B 436 -32.38 -22.92 -20.73
C GLN B 436 -32.64 -22.97 -19.22
N LYS B 437 -32.33 -21.88 -18.51
CA LYS B 437 -32.55 -21.81 -17.06
C LYS B 437 -34.04 -21.55 -16.76
N SER B 438 -34.64 -22.37 -15.85
CA SER B 438 -36.04 -22.26 -15.43
C SER B 438 -36.26 -21.12 -14.46
#